data_5BNA
# 
_entry.id   5BNA 
# 
_audit_conform.dict_name       mmcif_pdbx.dic 
_audit_conform.dict_version    5.387 
_audit_conform.dict_location   http://mmcif.pdb.org/dictionaries/ascii/mmcif_pdbx.dic 
# 
loop_
_database_2.database_id 
_database_2.database_code 
_database_2.pdbx_database_accession 
_database_2.pdbx_DOI 
PDB   5BNA         pdb_00005bna 10.2210/pdb5bna/pdb 
RCSB  DDL017       ?            ?                   
WWPDB D_1000179675 ?            ?                   
# 
loop_
_pdbx_audit_revision_history.ordinal 
_pdbx_audit_revision_history.data_content_type 
_pdbx_audit_revision_history.major_revision 
_pdbx_audit_revision_history.minor_revision 
_pdbx_audit_revision_history.revision_date 
1 'Structure model' 1 0 1983-11-02 
2 'Structure model' 1 1 2008-05-22 
3 'Structure model' 1 2 2011-07-13 
4 'Structure model' 1 3 2024-03-06 
# 
_pdbx_audit_revision_details.ordinal             1 
_pdbx_audit_revision_details.revision_ordinal    1 
_pdbx_audit_revision_details.data_content_type   'Structure model' 
_pdbx_audit_revision_details.provider            repository 
_pdbx_audit_revision_details.type                'Initial release' 
_pdbx_audit_revision_details.description         ? 
_pdbx_audit_revision_details.details             ? 
# 
loop_
_pdbx_audit_revision_group.ordinal 
_pdbx_audit_revision_group.revision_ordinal 
_pdbx_audit_revision_group.data_content_type 
_pdbx_audit_revision_group.group 
1 2 'Structure model' 'Version format compliance' 
2 3 'Structure model' 'Version format compliance' 
3 4 'Structure model' 'Data collection'           
4 4 'Structure model' 'Database references'       
5 4 'Structure model' 'Derived calculations'      
# 
loop_
_pdbx_audit_revision_category.ordinal 
_pdbx_audit_revision_category.revision_ordinal 
_pdbx_audit_revision_category.data_content_type 
_pdbx_audit_revision_category.category 
1 4 'Structure model' chem_comp_atom         
2 4 'Structure model' chem_comp_bond         
3 4 'Structure model' database_2             
4 4 'Structure model' pdbx_struct_conn_angle 
5 4 'Structure model' struct_conn            
6 4 'Structure model' struct_conn_type       
7 4 'Structure model' struct_site            
# 
loop_
_pdbx_audit_revision_item.ordinal 
_pdbx_audit_revision_item.revision_ordinal 
_pdbx_audit_revision_item.data_content_type 
_pdbx_audit_revision_item.item 
1  4 'Structure model' '_database_2.pdbx_DOI'                        
2  4 'Structure model' '_database_2.pdbx_database_accession'         
3  4 'Structure model' '_pdbx_struct_conn_angle.ptnr1_auth_asym_id'  
4  4 'Structure model' '_pdbx_struct_conn_angle.ptnr1_auth_seq_id'   
5  4 'Structure model' '_pdbx_struct_conn_angle.ptnr1_label_asym_id' 
6  4 'Structure model' '_pdbx_struct_conn_angle.ptnr1_label_seq_id'  
7  4 'Structure model' '_pdbx_struct_conn_angle.ptnr2_auth_asym_id'  
8  4 'Structure model' '_pdbx_struct_conn_angle.ptnr2_auth_seq_id'   
9  4 'Structure model' '_pdbx_struct_conn_angle.ptnr2_label_asym_id' 
10 4 'Structure model' '_pdbx_struct_conn_angle.ptnr3_auth_asym_id'  
11 4 'Structure model' '_pdbx_struct_conn_angle.ptnr3_auth_seq_id'   
12 4 'Structure model' '_pdbx_struct_conn_angle.ptnr3_label_asym_id' 
13 4 'Structure model' '_pdbx_struct_conn_angle.value'               
14 4 'Structure model' '_struct_conn.conn_type_id'                   
15 4 'Structure model' '_struct_conn.id'                             
16 4 'Structure model' '_struct_conn.pdbx_dist_value'                
17 4 'Structure model' '_struct_conn.pdbx_leaving_atom_flag'         
18 4 'Structure model' '_struct_conn.ptnr1_auth_asym_id'             
19 4 'Structure model' '_struct_conn.ptnr1_auth_comp_id'             
20 4 'Structure model' '_struct_conn.ptnr1_auth_seq_id'              
21 4 'Structure model' '_struct_conn.ptnr1_label_asym_id'            
22 4 'Structure model' '_struct_conn.ptnr1_label_atom_id'            
23 4 'Structure model' '_struct_conn.ptnr1_label_comp_id'            
24 4 'Structure model' '_struct_conn.ptnr1_label_seq_id'             
25 4 'Structure model' '_struct_conn.ptnr2_auth_asym_id'             
26 4 'Structure model' '_struct_conn.ptnr2_auth_comp_id'             
27 4 'Structure model' '_struct_conn.ptnr2_auth_seq_id'              
28 4 'Structure model' '_struct_conn.ptnr2_label_asym_id'            
29 4 'Structure model' '_struct_conn.ptnr2_label_atom_id'            
30 4 'Structure model' '_struct_conn.ptnr2_label_comp_id'            
31 4 'Structure model' '_struct_conn.ptnr2_label_seq_id'             
32 4 'Structure model' '_struct_conn_type.id'                        
33 4 'Structure model' '_struct_site.pdbx_auth_asym_id'              
34 4 'Structure model' '_struct_site.pdbx_auth_comp_id'              
35 4 'Structure model' '_struct_site.pdbx_auth_seq_id'               
# 
_pdbx_database_status.status_code                     REL 
_pdbx_database_status.entry_id                        5BNA 
_pdbx_database_status.recvd_initial_deposition_date   1983-08-22 
_pdbx_database_status.deposit_site                    BNL 
_pdbx_database_status.process_site                    BNL 
_pdbx_database_status.SG_entry                        . 
_pdbx_database_status.pdb_format_compatible           Y 
_pdbx_database_status.status_code_mr                  ? 
_pdbx_database_status.status_code_sf                  REL 
_pdbx_database_status.status_code_cs                  ? 
_pdbx_database_status.status_code_nmr_data            ? 
_pdbx_database_status.methods_development_category    ? 
# 
loop_
_audit_author.name 
_audit_author.pdbx_ordinal 
'Wing, R.M.'      1 
'Pjura, P.'       2 
'Drew, H.R.'      3 
'Dickerson, R.E.' 4 
# 
loop_
_citation.id 
_citation.title 
_citation.journal_abbrev 
_citation.journal_volume 
_citation.page_first 
_citation.page_last 
_citation.year 
_citation.journal_id_ASTM 
_citation.country 
_citation.journal_id_ISSN 
_citation.journal_id_CSD 
_citation.book_publisher 
_citation.pdbx_database_id_PubMed 
_citation.pdbx_database_id_DOI 
primary 'The primary mode of binding of cisplatin to a B-DNA dodecamer: C-G-C-G-A-A-T-T-C-G-C-G' 'EMBO J.' 3   1201 1206 1984 
EMJODG UK 0261-4189     0897 ?                               6539674 ? 
1       'A Random-Walk Model for Helix Bending in B-DNA'                                         Proc.Natl.Acad.Sci.USA 80  7099 
7103 1983 PNASA6 US 0027-8424     0040 ?                               ?       ? 
2       'Helix Geometry and Hydration in A-DNA, B-DNA and Z-DNA'                                 
'Cold Spring Harbor Symp.Quant.Biol.'      47  13   ?    1983 CSHSAZ US 0091-7451     0421 ?                               ?       
? 
3       'Base Sequence, Helix Geometry, Hydration and Helix Stability in B-DNA'                  
'Biological Macromolecules and Assemblies' 2   37   126  1985 ?      US 0-471-85142-6 0879 'John Wiley and Sons, New York' ?       
? 
4       'Crystal Structure Analysis of a Complete Turn of B-DNA'                                 Nature 287 755  758  1980 NATUAS 
UK 0028-0836     0006 ?                               ?       ? 
# 
loop_
_citation_author.citation_id 
_citation_author.name 
_citation_author.ordinal 
_citation_author.identifier_ORCID 
primary 'Wing, R.M.'      1  ? 
primary 'Pjura, P.'       2  ? 
primary 'Drew, H.R.'      3  ? 
primary 'Dickerson, R.E.' 4  ? 
1       'Dickerson, R.E.' 5  ? 
1       'Kopka, M.L.'     6  ? 
1       'Pjura, P.'       7  ? 
2       'Dickerson, R.E.' 8  ? 
2       'Drew, H.R.'      9  ? 
2       'Conner, B.N.'    10 ? 
2       'Kopka, M.L.'     11 ? 
2       'Pjura, P.E.'     12 ? 
3       'Dickerson, R.E.' 13 ? 
3       'Kopka, M.L.'     14 ? 
3       'Pjura, P.'       15 ? 
4       'Wing, R.'        16 ? 
4       'Drew, H.R.'      17 ? 
4       'Takano, T.'      18 ? 
4       'Broka, C.'       19 ? 
4       'Tanaka, S.'      20 ? 
4       'Itakura, K.'     21 ? 
4       'Dickerson, R.E.' 22 ? 
# 
loop_
_entity.id 
_entity.type 
_entity.src_method 
_entity.pdbx_description 
_entity.formula_weight 
_entity.pdbx_number_of_molecules 
_entity.pdbx_ec 
_entity.pdbx_mutation 
_entity.pdbx_fragment 
_entity.details 
1 polymer     syn 
;DNA (5'-D(*CP*GP*CP*GP*AP*AP*TP*TP*CP*GP*CP*G)-3')
;
3663.392 2   ? ? ? ? 
2 non-polymer syn 'PLATINUM TRIAMINE ION'                              246.170  3   ? ? ? ? 
3 water       nat water                                                18.015   128 ? ? ? ? 
# 
_entity_poly.entity_id                      1 
_entity_poly.type                           polydeoxyribonucleotide 
_entity_poly.nstd_linkage                   no 
_entity_poly.nstd_monomer                   no 
_entity_poly.pdbx_seq_one_letter_code       '(DC)(DG)(DC)(DG)(DA)(DA)(DT)(DT)(DC)(DG)(DC)(DG)' 
_entity_poly.pdbx_seq_one_letter_code_can   CGCGAATTCGCG 
_entity_poly.pdbx_strand_id                 A,B 
_entity_poly.pdbx_target_identifier         ? 
# 
loop_
_pdbx_entity_nonpoly.entity_id 
_pdbx_entity_nonpoly.name 
_pdbx_entity_nonpoly.comp_id 
2 'PLATINUM TRIAMINE ION' PTN 
3 water                   HOH 
# 
loop_
_entity_poly_seq.entity_id 
_entity_poly_seq.num 
_entity_poly_seq.mon_id 
_entity_poly_seq.hetero 
1 1  DC n 
1 2  DG n 
1 3  DC n 
1 4  DG n 
1 5  DA n 
1 6  DA n 
1 7  DT n 
1 8  DT n 
1 9  DC n 
1 10 DG n 
1 11 DC n 
1 12 DG n 
# 
loop_
_chem_comp.id 
_chem_comp.type 
_chem_comp.mon_nstd_flag 
_chem_comp.name 
_chem_comp.pdbx_synonyms 
_chem_comp.formula 
_chem_comp.formula_weight 
DA  'DNA linking' y "2'-DEOXYADENOSINE-5'-MONOPHOSPHATE" ? 'C10 H14 N5 O6 P' 331.222 
DC  'DNA linking' y "2'-DEOXYCYTIDINE-5'-MONOPHOSPHATE"  ? 'C9 H14 N3 O7 P'  307.197 
DG  'DNA linking' y "2'-DEOXYGUANOSINE-5'-MONOPHOSPHATE" ? 'C10 H14 N5 O7 P' 347.221 
DT  'DNA linking' y "THYMIDINE-5'-MONOPHOSPHATE"         ? 'C10 H15 N2 O8 P' 322.208 
HOH non-polymer   . WATER                                ? 'H2 O'            18.015  
PTN non-polymer   . 'PLATINUM TRIAMINE ION'              ? 'H9 N3 Pt 2'      246.170 
# 
loop_
_pdbx_poly_seq_scheme.asym_id 
_pdbx_poly_seq_scheme.entity_id 
_pdbx_poly_seq_scheme.seq_id 
_pdbx_poly_seq_scheme.mon_id 
_pdbx_poly_seq_scheme.ndb_seq_num 
_pdbx_poly_seq_scheme.pdb_seq_num 
_pdbx_poly_seq_scheme.auth_seq_num 
_pdbx_poly_seq_scheme.pdb_mon_id 
_pdbx_poly_seq_scheme.auth_mon_id 
_pdbx_poly_seq_scheme.pdb_strand_id 
_pdbx_poly_seq_scheme.pdb_ins_code 
_pdbx_poly_seq_scheme.hetero 
A 1 1  DC 1  1  1  DC C  A . n 
A 1 2  DG 2  2  2  DG G  A . n 
A 1 3  DC 3  3  3  DC C  A . n 
A 1 4  DG 4  4  4  DG +G A . n 
A 1 5  DA 5  5  5  DA A  A . n 
A 1 6  DA 6  6  6  DA A  A . n 
A 1 7  DT 7  7  7  DT T  A . n 
A 1 8  DT 8  8  8  DT T  A . n 
A 1 9  DC 9  9  9  DC C  A . n 
A 1 10 DG 10 10 10 DG +G A . n 
A 1 11 DC 11 11 11 DC C  A . n 
A 1 12 DG 12 12 12 DG G  A . n 
B 1 1  DC 1  13 13 DC C  B . n 
B 1 2  DG 2  14 14 DG G  B . n 
B 1 3  DC 3  15 15 DC C  B . n 
B 1 4  DG 4  16 16 DG +G B . n 
B 1 5  DA 5  17 17 DA A  B . n 
B 1 6  DA 6  18 18 DA A  B . n 
B 1 7  DT 7  19 19 DT T  B . n 
B 1 8  DT 8  20 20 DT T  B . n 
B 1 9  DC 9  21 21 DC C  B . n 
B 1 10 DG 10 22 22 DG +G B . n 
B 1 11 DC 11 23 23 DC C  B . n 
B 1 12 DG 12 24 24 DG G  B . n 
# 
loop_
_pdbx_nonpoly_scheme.asym_id 
_pdbx_nonpoly_scheme.entity_id 
_pdbx_nonpoly_scheme.mon_id 
_pdbx_nonpoly_scheme.ndb_seq_num 
_pdbx_nonpoly_scheme.pdb_seq_num 
_pdbx_nonpoly_scheme.auth_seq_num 
_pdbx_nonpoly_scheme.pdb_mon_id 
_pdbx_nonpoly_scheme.auth_mon_id 
_pdbx_nonpoly_scheme.pdb_strand_id 
_pdbx_nonpoly_scheme.pdb_ins_code 
C 2 PTN 1  25  25  PTN PTN A . 
D 2 PTN 1  26  26  PTN PTN A . 
E 2 PTN 1  27  27  PTN PTN B . 
F 3 HOH 1  30  30  HOH HOH A . 
F 3 HOH 2  31  31  HOH HOH A . 
F 3 HOH 3  33  33  HOH HOH A . 
F 3 HOH 4  37  37  HOH HOH A . 
F 3 HOH 5  40  40  HOH HOH A . 
F 3 HOH 6  41  41  HOH HOH A . 
F 3 HOH 7  42  42  HOH HOH A . 
F 3 HOH 8  44  44  HOH HOH A . 
F 3 HOH 9  45  45  HOH HOH A . 
F 3 HOH 10 46  46  HOH HOH A . 
F 3 HOH 11 51  51  HOH HOH A . 
F 3 HOH 12 53  53  HOH HOH A . 
F 3 HOH 13 58  58  HOH HOH A . 
F 3 HOH 14 61  61  HOH HOH A . 
F 3 HOH 15 65  65  HOH HOH A . 
F 3 HOH 16 67  67  HOH HOH A . 
F 3 HOH 17 71  71  HOH HOH A . 
F 3 HOH 18 72  72  HOH HOH A . 
F 3 HOH 19 87  87  HOH HOH A . 
F 3 HOH 20 88  88  HOH HOH A . 
F 3 HOH 21 89  89  HOH HOH A . 
F 3 HOH 22 91  91  HOH HOH A . 
F 3 HOH 23 93  93  HOH HOH A . 
F 3 HOH 24 94  94  HOH HOH A . 
F 3 HOH 25 107 107 HOH HOH A . 
F 3 HOH 26 108 108 HOH HOH A . 
F 3 HOH 27 109 109 HOH HOH A . 
F 3 HOH 28 112 112 HOH HOH A . 
F 3 HOH 29 113 113 HOH HOH A . 
F 3 HOH 30 115 115 HOH HOH A . 
F 3 HOH 31 116 116 HOH HOH A . 
F 3 HOH 32 120 120 HOH HOH A . 
F 3 HOH 33 124 124 HOH HOH A . 
F 3 HOH 34 125 125 HOH HOH A . 
F 3 HOH 35 127 127 HOH HOH A . 
F 3 HOH 36 133 133 HOH HOH A . 
F 3 HOH 37 137 137 HOH HOH A . 
F 3 HOH 38 139 139 HOH HOH A . 
F 3 HOH 39 144 144 HOH HOH A . 
F 3 HOH 40 146 146 HOH HOH A . 
F 3 HOH 41 149 149 HOH HOH A . 
F 3 HOH 42 150 150 HOH HOH A . 
F 3 HOH 43 152 152 HOH HOH A . 
G 3 HOH 1  28  28  HOH HOH B . 
G 3 HOH 2  29  29  HOH HOH B . 
G 3 HOH 3  32  32  HOH HOH B . 
G 3 HOH 4  34  34  HOH HOH B . 
G 3 HOH 5  35  35  HOH HOH B . 
G 3 HOH 6  36  36  HOH HOH B . 
G 3 HOH 7  38  38  HOH HOH B . 
G 3 HOH 8  39  39  HOH HOH B . 
G 3 HOH 9  43  43  HOH HOH B . 
G 3 HOH 10 47  47  HOH HOH B . 
G 3 HOH 11 48  48  HOH HOH B . 
G 3 HOH 12 49  49  HOH HOH B . 
G 3 HOH 13 50  50  HOH HOH B . 
G 3 HOH 14 52  52  HOH HOH B . 
G 3 HOH 15 54  54  HOH HOH B . 
G 3 HOH 16 55  55  HOH HOH B . 
G 3 HOH 17 56  56  HOH HOH B . 
G 3 HOH 18 57  57  HOH HOH B . 
G 3 HOH 19 59  59  HOH HOH B . 
G 3 HOH 20 60  60  HOH HOH B . 
G 3 HOH 21 62  62  HOH HOH B . 
G 3 HOH 22 63  63  HOH HOH B . 
G 3 HOH 23 64  64  HOH HOH B . 
G 3 HOH 24 66  66  HOH HOH B . 
G 3 HOH 25 68  68  HOH HOH B . 
G 3 HOH 26 69  69  HOH HOH B . 
G 3 HOH 27 70  70  HOH HOH B . 
G 3 HOH 28 73  73  HOH HOH B . 
G 3 HOH 29 74  74  HOH HOH B . 
G 3 HOH 30 75  75  HOH HOH B . 
G 3 HOH 31 76  76  HOH HOH B . 
G 3 HOH 32 77  77  HOH HOH B . 
G 3 HOH 33 78  78  HOH HOH B . 
G 3 HOH 34 79  79  HOH HOH B . 
G 3 HOH 35 80  80  HOH HOH B . 
G 3 HOH 36 81  81  HOH HOH B . 
G 3 HOH 37 82  82  HOH HOH B . 
G 3 HOH 38 83  83  HOH HOH B . 
G 3 HOH 39 84  84  HOH HOH B . 
G 3 HOH 40 85  85  HOH HOH B . 
G 3 HOH 41 86  86  HOH HOH B . 
G 3 HOH 42 90  90  HOH HOH B . 
G 3 HOH 43 92  92  HOH HOH B . 
G 3 HOH 44 95  95  HOH HOH B . 
G 3 HOH 45 96  96  HOH HOH B . 
G 3 HOH 46 97  97  HOH HOH B . 
G 3 HOH 47 98  98  HOH HOH B . 
G 3 HOH 48 99  99  HOH HOH B . 
G 3 HOH 49 100 100 HOH HOH B . 
G 3 HOH 50 101 101 HOH HOH B . 
G 3 HOH 51 102 102 HOH HOH B . 
G 3 HOH 52 103 103 HOH HOH B . 
G 3 HOH 53 104 104 HOH HOH B . 
G 3 HOH 54 105 105 HOH HOH B . 
G 3 HOH 55 106 106 HOH HOH B . 
G 3 HOH 56 110 110 HOH HOH B . 
G 3 HOH 57 111 111 HOH HOH B . 
G 3 HOH 58 114 114 HOH HOH B . 
G 3 HOH 59 117 117 HOH HOH B . 
G 3 HOH 60 118 118 HOH HOH B . 
G 3 HOH 61 119 119 HOH HOH B . 
G 3 HOH 62 121 121 HOH HOH B . 
G 3 HOH 63 122 122 HOH HOH B . 
G 3 HOH 64 123 123 HOH HOH B . 
G 3 HOH 65 126 126 HOH HOH B . 
G 3 HOH 66 128 128 HOH HOH B . 
G 3 HOH 67 129 129 HOH HOH B . 
G 3 HOH 68 130 130 HOH HOH B . 
G 3 HOH 69 131 131 HOH HOH B . 
G 3 HOH 70 132 132 HOH HOH B . 
G 3 HOH 71 134 134 HOH HOH B . 
G 3 HOH 72 135 135 HOH HOH B . 
G 3 HOH 73 136 136 HOH HOH B . 
G 3 HOH 74 138 138 HOH HOH B . 
G 3 HOH 75 140 140 HOH HOH B . 
G 3 HOH 76 141 141 HOH HOH B . 
G 3 HOH 77 142 142 HOH HOH B . 
G 3 HOH 78 143 143 HOH HOH B . 
G 3 HOH 79 145 145 HOH HOH B . 
G 3 HOH 80 147 147 HOH HOH B . 
G 3 HOH 81 148 148 HOH HOH B . 
G 3 HOH 82 151 151 HOH HOH B . 
G 3 HOH 83 153 153 HOH HOH B . 
G 3 HOH 84 154 154 HOH HOH B . 
G 3 HOH 85 155 155 HOH HOH B . 
# 
_software.name             JACK-LEVITT 
_software.classification   refinement 
_software.version          . 
_software.citation_id      ? 
_software.pdbx_ordinal     1 
# 
_cell.entry_id           5BNA 
_cell.length_a           24.160 
_cell.length_b           39.930 
_cell.length_c           66.120 
_cell.angle_alpha        90.00 
_cell.angle_beta         90.00 
_cell.angle_gamma        90.00 
_cell.Z_PDB              8 
_cell.pdbx_unique_axis   ? 
# 
_symmetry.entry_id                         5BNA 
_symmetry.space_group_name_H-M             'P 21 21 21' 
_symmetry.pdbx_full_space_group_name_H-M   ? 
_symmetry.cell_setting                     ? 
_symmetry.Int_Tables_number                19 
# 
_exptl.entry_id          5BNA 
_exptl.method            'X-RAY DIFFRACTION' 
_exptl.crystals_number   ? 
# 
_exptl_crystal.id                    1 
_exptl_crystal.density_meas          ? 
_exptl_crystal.density_Matthews      2.18 
_exptl_crystal.density_percent_sol   43.49 
_exptl_crystal.description           ? 
# 
_exptl_crystal_grow.crystal_id      1 
_exptl_crystal_grow.method          'VAPOR DIFFUSION' 
_exptl_crystal_grow.temp            277.00 
_exptl_crystal_grow.temp_details    ? 
_exptl_crystal_grow.pH              ? 
_exptl_crystal_grow.pdbx_details    'VAPOR DIFFUSION, temperature 277.00K' 
_exptl_crystal_grow.pdbx_pH_range   ? 
# 
loop_
_exptl_crystal_grow_comp.crystal_id 
_exptl_crystal_grow_comp.id 
_exptl_crystal_grow_comp.sol_id 
_exptl_crystal_grow_comp.name 
_exptl_crystal_grow_comp.volume 
_exptl_crystal_grow_comp.conc 
_exptl_crystal_grow_comp.details 
1 1 1 WATER ? ? ? 
1 2 1 MPD   ? ? ? 
# 
_reflns.entry_id                     5BNA 
_reflns.observed_criterion_sigma_I   ? 
_reflns.observed_criterion_sigma_F   ? 
_reflns.d_resolution_low             ? 
_reflns.d_resolution_high            2.600 
_reflns.number_obs                   2088 
_reflns.number_all                   ? 
_reflns.percent_possible_obs         ? 
_reflns.pdbx_Rmerge_I_obs            ? 
_reflns.pdbx_Rsym_value              ? 
_reflns.pdbx_netI_over_sigmaI        ? 
_reflns.B_iso_Wilson_estimate        ? 
_reflns.pdbx_redundancy              ? 
_reflns.pdbx_diffrn_id               1 
_reflns.pdbx_ordinal                 1 
# 
_refine.entry_id                                 5BNA 
_refine.ls_number_reflns_obs                     725 
_refine.ls_number_reflns_all                     ? 
_refine.pdbx_ls_sigma_I                          ? 
_refine.pdbx_ls_sigma_F                          2.000 
_refine.pdbx_data_cutoff_high_absF               ? 
_refine.pdbx_data_cutoff_low_absF                ? 
_refine.pdbx_data_cutoff_high_rms_absF           ? 
_refine.ls_d_res_low                             8.000 
_refine.ls_d_res_high                            2.600 
_refine.ls_percent_reflns_obs                    ? 
_refine.ls_R_factor_obs                          0.1020000 
_refine.ls_R_factor_all                          ? 
_refine.ls_R_factor_R_work                       ? 
_refine.ls_R_factor_R_free                       ? 
_refine.ls_R_factor_R_free_error                 ? 
_refine.ls_R_factor_R_free_error_details         ? 
_refine.ls_percent_reflns_R_free                 ? 
_refine.ls_number_reflns_R_free                  ? 
_refine.ls_number_parameters                     ? 
_refine.ls_number_restraints                     ? 
_refine.occupancy_min                            ? 
_refine.occupancy_max                            ? 
_refine.B_iso_mean                               ? 
_refine.aniso_B[1][1]                            ? 
_refine.aniso_B[2][2]                            ? 
_refine.aniso_B[3][3]                            ? 
_refine.aniso_B[1][2]                            ? 
_refine.aniso_B[1][3]                            ? 
_refine.aniso_B[2][3]                            ? 
_refine.solvent_model_details                    ? 
_refine.solvent_model_param_ksol                 ? 
_refine.solvent_model_param_bsol                 ? 
_refine.pdbx_ls_cross_valid_method               ? 
_refine.details                                  ? 
_refine.pdbx_starting_model                      ? 
_refine.pdbx_method_to_determine_struct          ? 
_refine.pdbx_isotropic_thermal_model             ? 
_refine.pdbx_stereochemistry_target_values       ? 
_refine.pdbx_stereochem_target_val_spec_case     ? 
_refine.pdbx_R_Free_selection_details            ? 
_refine.pdbx_overall_ESU_R                       ? 
_refine.pdbx_overall_ESU_R_Free                  ? 
_refine.overall_SU_ML                            ? 
_refine.overall_SU_B                             ? 
_refine.pdbx_refine_id                           'X-RAY DIFFRACTION' 
_refine.pdbx_diffrn_id                           1 
_refine.pdbx_TLS_residual_ADP_flag               ? 
_refine.correlation_coeff_Fo_to_Fc               ? 
_refine.correlation_coeff_Fo_to_Fc_free          ? 
_refine.pdbx_solvent_vdw_probe_radii             ? 
_refine.pdbx_solvent_ion_probe_radii             ? 
_refine.pdbx_solvent_shrinkage_radii             ? 
_refine.pdbx_overall_phase_error                 ? 
_refine.overall_SU_R_Cruickshank_DPI             ? 
_refine.pdbx_overall_SU_R_free_Cruickshank_DPI   ? 
_refine.pdbx_overall_SU_R_Blow_DPI               ? 
_refine.pdbx_overall_SU_R_free_Blow_DPI          ? 
# 
_refine_hist.pdbx_refine_id                   'X-RAY DIFFRACTION' 
_refine_hist.cycle_id                         LAST 
_refine_hist.pdbx_number_atoms_protein        0 
_refine_hist.pdbx_number_atoms_nucleic_acid   486 
_refine_hist.pdbx_number_atoms_ligand         12 
_refine_hist.number_atoms_solvent             128 
_refine_hist.number_atoms_total               626 
_refine_hist.d_res_high                       2.600 
_refine_hist.d_res_low                        8.000 
# 
_struct.entry_id                  5BNA 
_struct.title                     'THE PRIMARY MODE OF BINDING OF CISPLATIN TO A B-DNA DODECAMER: C-G-C-G-A-A-T-T-C-G-C-G' 
_struct.pdbx_model_details        ? 
_struct.pdbx_CASP_flag            ? 
_struct.pdbx_model_type_details   ? 
# 
_struct_keywords.entry_id        5BNA 
_struct_keywords.pdbx_keywords   DNA 
_struct_keywords.text            'B-DNA, DOUBLE HELIX, COMPLEXED WITH DRUG, MODIFIED, DNA' 
# 
loop_
_struct_asym.id 
_struct_asym.pdbx_blank_PDB_chainid_flag 
_struct_asym.pdbx_modified 
_struct_asym.entity_id 
_struct_asym.details 
A N N 1 ? 
B N N 1 ? 
C N N 2 ? 
D N N 2 ? 
E N N 2 ? 
F N N 3 ? 
G N N 3 ? 
# 
_struct_ref.id                         1 
_struct_ref.entity_id                  1 
_struct_ref.db_name                    PDB 
_struct_ref.db_code                    5BNA 
_struct_ref.pdbx_db_accession          5BNA 
_struct_ref.pdbx_db_isoform            ? 
_struct_ref.pdbx_seq_one_letter_code   ? 
_struct_ref.pdbx_align_begin           ? 
# 
loop_
_struct_ref_seq.align_id 
_struct_ref_seq.ref_id 
_struct_ref_seq.pdbx_PDB_id_code 
_struct_ref_seq.pdbx_strand_id 
_struct_ref_seq.seq_align_beg 
_struct_ref_seq.pdbx_seq_align_beg_ins_code 
_struct_ref_seq.seq_align_end 
_struct_ref_seq.pdbx_seq_align_end_ins_code 
_struct_ref_seq.pdbx_db_accession 
_struct_ref_seq.db_align_beg 
_struct_ref_seq.pdbx_db_align_beg_ins_code 
_struct_ref_seq.db_align_end 
_struct_ref_seq.pdbx_db_align_end_ins_code 
_struct_ref_seq.pdbx_auth_seq_align_beg 
_struct_ref_seq.pdbx_auth_seq_align_end 
1 1 5BNA A 1 ? 12 ? 5BNA 1  ? 12 ? 1  12 
2 1 5BNA B 1 ? 12 ? 5BNA 13 ? 24 ? 13 24 
# 
_pdbx_struct_assembly.id                   1 
_pdbx_struct_assembly.details              author_defined_assembly 
_pdbx_struct_assembly.method_details       ? 
_pdbx_struct_assembly.oligomeric_details   dimeric 
_pdbx_struct_assembly.oligomeric_count     2 
# 
_pdbx_struct_assembly_gen.assembly_id       1 
_pdbx_struct_assembly_gen.oper_expression   1 
_pdbx_struct_assembly_gen.asym_id_list      A,B,C,D,E,F,G 
# 
_pdbx_struct_oper_list.id                   1 
_pdbx_struct_oper_list.type                 'identity operation' 
_pdbx_struct_oper_list.name                 1_555 
_pdbx_struct_oper_list.symmetry_operation   x,y,z 
_pdbx_struct_oper_list.matrix[1][1]         1.0000000000 
_pdbx_struct_oper_list.matrix[1][2]         0.0000000000 
_pdbx_struct_oper_list.matrix[1][3]         0.0000000000 
_pdbx_struct_oper_list.vector[1]            0.0000000000 
_pdbx_struct_oper_list.matrix[2][1]         0.0000000000 
_pdbx_struct_oper_list.matrix[2][2]         1.0000000000 
_pdbx_struct_oper_list.matrix[2][3]         0.0000000000 
_pdbx_struct_oper_list.vector[2]            0.0000000000 
_pdbx_struct_oper_list.matrix[3][1]         0.0000000000 
_pdbx_struct_oper_list.matrix[3][2]         0.0000000000 
_pdbx_struct_oper_list.matrix[3][3]         1.0000000000 
_pdbx_struct_oper_list.vector[3]            0.0000000000 
# 
_struct_biol.id   1 
# 
loop_
_struct_conn.id 
_struct_conn.conn_type_id 
_struct_conn.pdbx_leaving_atom_flag 
_struct_conn.pdbx_PDB_id 
_struct_conn.ptnr1_label_asym_id 
_struct_conn.ptnr1_label_comp_id 
_struct_conn.ptnr1_label_seq_id 
_struct_conn.ptnr1_label_atom_id 
_struct_conn.pdbx_ptnr1_label_alt_id 
_struct_conn.pdbx_ptnr1_PDB_ins_code 
_struct_conn.pdbx_ptnr1_standard_comp_id 
_struct_conn.ptnr1_symmetry 
_struct_conn.ptnr2_label_asym_id 
_struct_conn.ptnr2_label_comp_id 
_struct_conn.ptnr2_label_seq_id 
_struct_conn.ptnr2_label_atom_id 
_struct_conn.pdbx_ptnr2_label_alt_id 
_struct_conn.pdbx_ptnr2_PDB_ins_code 
_struct_conn.ptnr1_auth_asym_id 
_struct_conn.ptnr1_auth_comp_id 
_struct_conn.ptnr1_auth_seq_id 
_struct_conn.ptnr2_auth_asym_id 
_struct_conn.ptnr2_auth_comp_id 
_struct_conn.ptnr2_auth_seq_id 
_struct_conn.ptnr2_symmetry 
_struct_conn.pdbx_ptnr3_label_atom_id 
_struct_conn.pdbx_ptnr3_label_seq_id 
_struct_conn.pdbx_ptnr3_label_comp_id 
_struct_conn.pdbx_ptnr3_label_asym_id 
_struct_conn.pdbx_ptnr3_label_alt_id 
_struct_conn.pdbx_ptnr3_PDB_ins_code 
_struct_conn.details 
_struct_conn.pdbx_dist_value 
_struct_conn.pdbx_value_order 
_struct_conn.pdbx_role 
covale1  covale none ? C PTN .  N2 ? ? ? 1_555 B DG  4  O6 ? ? A PTN 25 B DG  16 1_555 ? ? ? ? ? ? ?            1.824 ? ? 
metalc1  metalc ?    ? A DG  4  N7 ? ? ? 1_555 D PTN .  PT ? ? A DG  4  A PTN 26 1_555 ? ? ? ? ? ? ?            2.315 ? ? 
metalc2  metalc ?    ? A DG  10 N7 ? ? ? 1_555 E PTN .  PT ? ? A DG  10 B PTN 27 1_555 ? ? ? ? ? ? ?            2.232 ? ? 
metalc3  metalc ?    ? C PTN .  PT ? ? ? 1_555 B DG  4  N7 ? ? A PTN 25 B DG  16 1_555 ? ? ? ? ? ? ?            2.164 ? ? 
hydrog1  hydrog ?    ? A DC  1  N3 ? ? ? 1_555 B DG  12 N1 ? ? A DC  1  B DG  24 1_555 ? ? ? ? ? ? WATSON-CRICK ?     ? ? 
hydrog2  hydrog ?    ? A DC  1  N4 ? ? ? 1_555 B DG  12 O6 ? ? A DC  1  B DG  24 1_555 ? ? ? ? ? ? WATSON-CRICK ?     ? ? 
hydrog3  hydrog ?    ? A DC  1  O2 ? ? ? 1_555 B DG  12 N2 ? ? A DC  1  B DG  24 1_555 ? ? ? ? ? ? WATSON-CRICK ?     ? ? 
hydrog4  hydrog ?    ? A DG  2  N1 ? ? ? 1_555 B DC  11 N3 ? ? A DG  2  B DC  23 1_555 ? ? ? ? ? ? WATSON-CRICK ?     ? ? 
hydrog5  hydrog ?    ? A DG  2  N2 ? ? ? 1_555 B DC  11 O2 ? ? A DG  2  B DC  23 1_555 ? ? ? ? ? ? WATSON-CRICK ?     ? ? 
hydrog6  hydrog ?    ? A DG  2  O6 ? ? ? 1_555 B DC  11 N4 ? ? A DG  2  B DC  23 1_555 ? ? ? ? ? ? WATSON-CRICK ?     ? ? 
hydrog7  hydrog ?    ? A DC  3  N3 ? ? ? 1_555 B DG  10 N1 ? ? A DC  3  B DG  22 1_555 ? ? ? ? ? ? WATSON-CRICK ?     ? ? 
hydrog8  hydrog ?    ? A DC  3  N4 ? ? ? 1_555 B DG  10 O6 ? ? A DC  3  B DG  22 1_555 ? ? ? ? ? ? WATSON-CRICK ?     ? ? 
hydrog9  hydrog ?    ? A DC  3  O2 ? ? ? 1_555 B DG  10 N2 ? ? A DC  3  B DG  22 1_555 ? ? ? ? ? ? WATSON-CRICK ?     ? ? 
hydrog10 hydrog ?    ? A DG  4  N1 ? ? ? 1_555 B DC  9  N3 ? ? A DG  4  B DC  21 1_555 ? ? ? ? ? ? WATSON-CRICK ?     ? ? 
hydrog11 hydrog ?    ? A DG  4  N2 ? ? ? 1_555 B DC  9  O2 ? ? A DG  4  B DC  21 1_555 ? ? ? ? ? ? WATSON-CRICK ?     ? ? 
hydrog12 hydrog ?    ? A DG  4  O6 ? ? ? 1_555 B DC  9  N4 ? ? A DG  4  B DC  21 1_555 ? ? ? ? ? ? WATSON-CRICK ?     ? ? 
hydrog13 hydrog ?    ? A DA  5  N1 ? ? ? 1_555 B DT  8  N3 ? ? A DA  5  B DT  20 1_555 ? ? ? ? ? ? WATSON-CRICK ?     ? ? 
hydrog14 hydrog ?    ? A DA  5  N6 ? ? ? 1_555 B DT  8  O4 ? ? A DA  5  B DT  20 1_555 ? ? ? ? ? ? WATSON-CRICK ?     ? ? 
hydrog15 hydrog ?    ? A DA  6  N1 ? ? ? 1_555 B DT  7  N3 ? ? A DA  6  B DT  19 1_555 ? ? ? ? ? ? WATSON-CRICK ?     ? ? 
hydrog16 hydrog ?    ? A DA  6  N6 ? ? ? 1_555 B DT  7  O4 ? ? A DA  6  B DT  19 1_555 ? ? ? ? ? ? WATSON-CRICK ?     ? ? 
hydrog17 hydrog ?    ? A DT  7  N3 ? ? ? 1_555 B DA  6  N1 ? ? A DT  7  B DA  18 1_555 ? ? ? ? ? ? WATSON-CRICK ?     ? ? 
hydrog18 hydrog ?    ? A DT  7  O4 ? ? ? 1_555 B DA  6  N6 ? ? A DT  7  B DA  18 1_555 ? ? ? ? ? ? WATSON-CRICK ?     ? ? 
hydrog19 hydrog ?    ? A DT  8  N3 ? ? ? 1_555 B DA  5  N1 ? ? A DT  8  B DA  17 1_555 ? ? ? ? ? ? WATSON-CRICK ?     ? ? 
hydrog20 hydrog ?    ? A DT  8  O4 ? ? ? 1_555 B DA  5  N6 ? ? A DT  8  B DA  17 1_555 ? ? ? ? ? ? WATSON-CRICK ?     ? ? 
hydrog21 hydrog ?    ? A DC  9  N3 ? ? ? 1_555 B DG  4  N1 ? ? A DC  9  B DG  16 1_555 ? ? ? ? ? ? WATSON-CRICK ?     ? ? 
hydrog22 hydrog ?    ? A DC  9  N4 ? ? ? 1_555 B DG  4  O6 ? ? A DC  9  B DG  16 1_555 ? ? ? ? ? ? WATSON-CRICK ?     ? ? 
hydrog23 hydrog ?    ? A DC  9  O2 ? ? ? 1_555 B DG  4  N2 ? ? A DC  9  B DG  16 1_555 ? ? ? ? ? ? WATSON-CRICK ?     ? ? 
hydrog24 hydrog ?    ? A DG  10 N1 ? ? ? 1_555 B DC  3  N3 ? ? A DG  10 B DC  15 1_555 ? ? ? ? ? ? WATSON-CRICK ?     ? ? 
hydrog25 hydrog ?    ? A DG  10 N2 ? ? ? 1_555 B DC  3  O2 ? ? A DG  10 B DC  15 1_555 ? ? ? ? ? ? WATSON-CRICK ?     ? ? 
hydrog26 hydrog ?    ? A DG  10 O6 ? ? ? 1_555 B DC  3  N4 ? ? A DG  10 B DC  15 1_555 ? ? ? ? ? ? WATSON-CRICK ?     ? ? 
hydrog27 hydrog ?    ? A DC  11 N3 ? ? ? 1_555 B DG  2  N1 ? ? A DC  11 B DG  14 1_555 ? ? ? ? ? ? WATSON-CRICK ?     ? ? 
hydrog28 hydrog ?    ? A DC  11 N4 ? ? ? 1_555 B DG  2  O6 ? ? A DC  11 B DG  14 1_555 ? ? ? ? ? ? WATSON-CRICK ?     ? ? 
hydrog29 hydrog ?    ? A DC  11 O2 ? ? ? 1_555 B DG  2  N2 ? ? A DC  11 B DG  14 1_555 ? ? ? ? ? ? WATSON-CRICK ?     ? ? 
hydrog30 hydrog ?    ? A DG  12 N1 ? ? ? 1_555 B DC  1  N3 ? ? A DG  12 B DC  13 1_555 ? ? ? ? ? ? WATSON-CRICK ?     ? ? 
hydrog31 hydrog ?    ? A DG  12 N2 ? ? ? 1_555 B DC  1  O2 ? ? A DG  12 B DC  13 1_555 ? ? ? ? ? ? WATSON-CRICK ?     ? ? 
hydrog32 hydrog ?    ? A DG  12 O6 ? ? ? 1_555 B DC  1  N4 ? ? A DG  12 B DC  13 1_555 ? ? ? ? ? ? WATSON-CRICK ?     ? ? 
# 
loop_
_struct_conn_type.id 
_struct_conn_type.criteria 
_struct_conn_type.reference 
covale ? ? 
metalc ? ? 
hydrog ? ? 
# 
loop_
_pdbx_struct_conn_angle.id 
_pdbx_struct_conn_angle.ptnr1_label_atom_id 
_pdbx_struct_conn_angle.ptnr1_label_alt_id 
_pdbx_struct_conn_angle.ptnr1_label_asym_id 
_pdbx_struct_conn_angle.ptnr1_label_comp_id 
_pdbx_struct_conn_angle.ptnr1_label_seq_id 
_pdbx_struct_conn_angle.ptnr1_auth_atom_id 
_pdbx_struct_conn_angle.ptnr1_auth_asym_id 
_pdbx_struct_conn_angle.ptnr1_auth_comp_id 
_pdbx_struct_conn_angle.ptnr1_auth_seq_id 
_pdbx_struct_conn_angle.ptnr1_PDB_ins_code 
_pdbx_struct_conn_angle.ptnr1_symmetry 
_pdbx_struct_conn_angle.ptnr2_label_atom_id 
_pdbx_struct_conn_angle.ptnr2_label_alt_id 
_pdbx_struct_conn_angle.ptnr2_label_asym_id 
_pdbx_struct_conn_angle.ptnr2_label_comp_id 
_pdbx_struct_conn_angle.ptnr2_label_seq_id 
_pdbx_struct_conn_angle.ptnr2_auth_atom_id 
_pdbx_struct_conn_angle.ptnr2_auth_asym_id 
_pdbx_struct_conn_angle.ptnr2_auth_comp_id 
_pdbx_struct_conn_angle.ptnr2_auth_seq_id 
_pdbx_struct_conn_angle.ptnr2_PDB_ins_code 
_pdbx_struct_conn_angle.ptnr2_symmetry 
_pdbx_struct_conn_angle.ptnr3_label_atom_id 
_pdbx_struct_conn_angle.ptnr3_label_alt_id 
_pdbx_struct_conn_angle.ptnr3_label_asym_id 
_pdbx_struct_conn_angle.ptnr3_label_comp_id 
_pdbx_struct_conn_angle.ptnr3_label_seq_id 
_pdbx_struct_conn_angle.ptnr3_auth_atom_id 
_pdbx_struct_conn_angle.ptnr3_auth_asym_id 
_pdbx_struct_conn_angle.ptnr3_auth_comp_id 
_pdbx_struct_conn_angle.ptnr3_auth_seq_id 
_pdbx_struct_conn_angle.ptnr3_PDB_ins_code 
_pdbx_struct_conn_angle.ptnr3_symmetry 
_pdbx_struct_conn_angle.value 
_pdbx_struct_conn_angle.value_esd 
1  N7 ? A DG  4  ? A DG  4  ? 1_555 PT ? D PTN . ? A PTN 26 ? 1_555 N1 ? D PTN . ? A PTN 26 ? 1_555 79.0  ? 
2  N7 ? A DG  4  ? A DG  4  ? 1_555 PT ? D PTN . ? A PTN 26 ? 1_555 N2 ? D PTN . ? A PTN 26 ? 1_555 102.0 ? 
3  N1 ? D PTN .  ? A PTN 26 ? 1_555 PT ? D PTN . ? A PTN 26 ? 1_555 N2 ? D PTN . ? A PTN 26 ? 1_555 175.1 ? 
4  N7 ? A DG  4  ? A DG  4  ? 1_555 PT ? D PTN . ? A PTN 26 ? 1_555 N3 ? D PTN . ? A PTN 26 ? 1_555 159.9 ? 
5  N1 ? D PTN .  ? A PTN 26 ? 1_555 PT ? D PTN . ? A PTN 26 ? 1_555 N3 ? D PTN . ? A PTN 26 ? 1_555 95.5  ? 
6  N2 ? D PTN .  ? A PTN 26 ? 1_555 PT ? D PTN . ? A PTN 26 ? 1_555 N3 ? D PTN . ? A PTN 26 ? 1_555 85.1  ? 
7  N7 ? A DG  10 ? A DG  10 ? 1_555 PT ? E PTN . ? B PTN 27 ? 1_555 N1 ? E PTN . ? B PTN 27 ? 1_555 103.7 ? 
8  N7 ? A DG  10 ? A DG  10 ? 1_555 PT ? E PTN . ? B PTN 27 ? 1_555 N2 ? E PTN . ? B PTN 27 ? 1_555 69.7  ? 
9  N1 ? E PTN .  ? B PTN 27 ? 1_555 PT ? E PTN . ? B PTN 27 ? 1_555 N2 ? E PTN . ? B PTN 27 ? 1_555 173.4 ? 
10 N7 ? A DG  10 ? A DG  10 ? 1_555 PT ? E PTN . ? B PTN 27 ? 1_555 N3 ? E PTN . ? B PTN 27 ? 1_555 144.8 ? 
11 N1 ? E PTN .  ? B PTN 27 ? 1_555 PT ? E PTN . ? B PTN 27 ? 1_555 N3 ? E PTN . ? B PTN 27 ? 1_555 104.7 ? 
12 N2 ? E PTN .  ? B PTN 27 ? 1_555 PT ? E PTN . ? B PTN 27 ? 1_555 N3 ? E PTN . ? B PTN 27 ? 1_555 81.3  ? 
13 N7 ? B DG  4  ? B DG  16 ? 1_555 PT ? C PTN . ? A PTN 25 ? 1_555 N1 ? C PTN . ? A PTN 25 ? 1_555 105.6 ? 
14 N7 ? B DG  4  ? B DG  16 ? 1_555 PT ? C PTN . ? A PTN 25 ? 1_555 N2 ? C PTN . ? A PTN 25 ? 1_555 70.1  ? 
15 N1 ? C PTN .  ? A PTN 25 ? 1_555 PT ? C PTN . ? A PTN 25 ? 1_555 N2 ? C PTN . ? A PTN 25 ? 1_555 166.3 ? 
16 N7 ? B DG  4  ? B DG  16 ? 1_555 PT ? C PTN . ? A PTN 25 ? 1_555 N3 ? C PTN . ? A PTN 25 ? 1_555 139.1 ? 
17 N1 ? C PTN .  ? A PTN 25 ? 1_555 PT ? C PTN . ? A PTN 25 ? 1_555 N3 ? C PTN . ? A PTN 25 ? 1_555 98.5  ? 
18 N2 ? C PTN .  ? A PTN 25 ? 1_555 PT ? C PTN . ? A PTN 25 ? 1_555 N3 ? C PTN . ? A PTN 25 ? 1_555 78.7  ? 
# 
loop_
_struct_site.id 
_struct_site.pdbx_evidence_code 
_struct_site.pdbx_auth_asym_id 
_struct_site.pdbx_auth_comp_id 
_struct_site.pdbx_auth_seq_id 
_struct_site.pdbx_auth_ins_code 
_struct_site.pdbx_num_residues 
_struct_site.details 
AC1 Software A PTN 25 ? 6 'BINDING SITE FOR RESIDUE PTN A 25' 
AC2 Software A PTN 26 ? 2 'BINDING SITE FOR RESIDUE PTN A 26' 
AC3 Software B PTN 27 ? 2 'BINDING SITE FOR RESIDUE PTN B 27' 
1   ?        ? ?   ?  ? ? ?                                   
# 
loop_
_struct_site_gen.id 
_struct_site_gen.site_id 
_struct_site_gen.pdbx_num_res 
_struct_site_gen.label_comp_id 
_struct_site_gen.label_asym_id 
_struct_site_gen.label_seq_id 
_struct_site_gen.pdbx_auth_ins_code 
_struct_site_gen.auth_comp_id 
_struct_site_gen.auth_asym_id 
_struct_site_gen.auth_seq_id 
_struct_site_gen.label_atom_id 
_struct_site_gen.label_alt_id 
_struct_site_gen.symmetry 
_struct_site_gen.details 
1  AC1 6 HOH F .  ? HOH A 33  . ? 1_555 ? 
2  AC1 6 HOH F .  ? HOH A 71  . ? 1_555 ? 
3  AC1 6 HOH F .  ? HOH A 137 . ? 1_555 ? 
4  AC1 6 DC  B 3  ? DC  B 15  . ? 1_555 ? 
5  AC1 6 DG  B 4  ? DG  B 16  . ? 1_555 ? 
6  AC1 6 HOH G .  ? HOH B 57  . ? 1_555 ? 
7  AC2 2 DC  A 3  ? DC  A 3   . ? 1_555 ? 
8  AC2 2 DG  A 4  ? DG  A 4   . ? 1_555 ? 
9  AC3 2 DG  A 10 ? DG  A 10  . ? 1_555 ? 
10 AC3 2 DG  B 2  ? DG  B 14  . ? 1_555 ? 
# 
loop_
_pdbx_validate_close_contact.id 
_pdbx_validate_close_contact.PDB_model_num 
_pdbx_validate_close_contact.auth_atom_id_1 
_pdbx_validate_close_contact.auth_asym_id_1 
_pdbx_validate_close_contact.auth_comp_id_1 
_pdbx_validate_close_contact.auth_seq_id_1 
_pdbx_validate_close_contact.PDB_ins_code_1 
_pdbx_validate_close_contact.label_alt_id_1 
_pdbx_validate_close_contact.auth_atom_id_2 
_pdbx_validate_close_contact.auth_asym_id_2 
_pdbx_validate_close_contact.auth_comp_id_2 
_pdbx_validate_close_contact.auth_seq_id_2 
_pdbx_validate_close_contact.PDB_ins_code_2 
_pdbx_validate_close_contact.label_alt_id_2 
_pdbx_validate_close_contact.dist 
1 1 C8  A DG  2  ? ? O A HOH 89  ? ? 1.91 
2 1 OP1 A DT  8  ? ? O A HOH 127 ? ? 1.95 
3 1 OP2 B DT  19 ? ? O B HOH 79  ? ? 1.96 
4 1 O   B HOH 76 ? ? O B HOH 119 ? ? 2.02 
5 1 OP2 B DG  16 ? ? O B HOH 57  ? ? 2.06 
6 1 OP2 B DG  24 ? ? O B HOH 29  ? ? 2.09 
7 1 OP2 A DG  10 ? ? O A HOH 61  ? ? 2.11 
8 1 OP2 B DA  17 ? ? O B HOH 122 ? ? 2.18 
9 1 OP2 B DC  23 ? ? O B HOH 103 ? ? 2.19 
# 
_pdbx_validate_symm_contact.id                1 
_pdbx_validate_symm_contact.PDB_model_num     1 
_pdbx_validate_symm_contact.auth_atom_id_1    OP1 
_pdbx_validate_symm_contact.auth_asym_id_1    A 
_pdbx_validate_symm_contact.auth_comp_id_1    DA 
_pdbx_validate_symm_contact.auth_seq_id_1     5 
_pdbx_validate_symm_contact.PDB_ins_code_1    ? 
_pdbx_validate_symm_contact.label_alt_id_1    ? 
_pdbx_validate_symm_contact.site_symmetry_1   1_555 
_pdbx_validate_symm_contact.auth_atom_id_2    O 
_pdbx_validate_symm_contact.auth_asym_id_2    B 
_pdbx_validate_symm_contact.auth_comp_id_2    HOH 
_pdbx_validate_symm_contact.auth_seq_id_2     39 
_pdbx_validate_symm_contact.PDB_ins_code_2    ? 
_pdbx_validate_symm_contact.label_alt_id_2    ? 
_pdbx_validate_symm_contact.site_symmetry_2   3_745 
_pdbx_validate_symm_contact.dist              2.10 
# 
loop_
_pdbx_validate_rmsd_bond.id 
_pdbx_validate_rmsd_bond.PDB_model_num 
_pdbx_validate_rmsd_bond.auth_atom_id_1 
_pdbx_validate_rmsd_bond.auth_asym_id_1 
_pdbx_validate_rmsd_bond.auth_comp_id_1 
_pdbx_validate_rmsd_bond.auth_seq_id_1 
_pdbx_validate_rmsd_bond.PDB_ins_code_1 
_pdbx_validate_rmsd_bond.label_alt_id_1 
_pdbx_validate_rmsd_bond.auth_atom_id_2 
_pdbx_validate_rmsd_bond.auth_asym_id_2 
_pdbx_validate_rmsd_bond.auth_comp_id_2 
_pdbx_validate_rmsd_bond.auth_seq_id_2 
_pdbx_validate_rmsd_bond.PDB_ins_code_2 
_pdbx_validate_rmsd_bond.label_alt_id_2 
_pdbx_validate_rmsd_bond.bond_value 
_pdbx_validate_rmsd_bond.bond_target_value 
_pdbx_validate_rmsd_bond.bond_deviation 
_pdbx_validate_rmsd_bond.bond_standard_deviation 
_pdbx_validate_rmsd_bond.linker_flag 
1  1 C5    A DC 1  ? ? C6    A DC 1  ? ? 1.410 1.339 0.071  0.008 N 
2  1 "O3'" A DG 2  ? ? "C3'" A DG 2  ? ? 1.374 1.419 -0.045 0.006 N 
3  1 N3    A DG 2  ? ? C4    A DG 2  ? ? 1.396 1.350 0.046  0.007 N 
4  1 C5    A DG 2  ? ? N7    A DG 2  ? ? 1.341 1.388 -0.047 0.006 N 
5  1 N7    A DG 2  ? ? C8    A DG 2  ? ? 1.362 1.305 0.057  0.006 N 
6  1 N7    A DG 4  ? ? C8    A DG 4  ? ? 1.342 1.305 0.037  0.006 N 
7  1 N3    A DA 5  ? ? C4    A DA 5  ? ? 1.401 1.344 0.057  0.006 N 
8  1 C5    A DA 5  ? ? C6    A DA 5  ? ? 1.465 1.406 0.059  0.009 N 
9  1 C5    A DA 5  ? ? N7    A DA 5  ? ? 1.347 1.388 -0.041 0.006 N 
10 1 "O3'" A DA 6  ? ? "C3'" A DA 6  ? ? 1.383 1.419 -0.036 0.006 N 
11 1 N3    A DA 6  ? ? C4    A DA 6  ? ? 1.399 1.344 0.055  0.006 N 
12 1 C5    A DA 6  ? ? N7    A DA 6  ? ? 1.328 1.388 -0.060 0.006 N 
13 1 C5    A DT 7  ? ? C6    A DT 7  ? ? 1.383 1.339 0.044  0.007 N 
14 1 "O3'" A DT 8  ? ? "C3'" A DT 8  ? ? 1.353 1.419 -0.066 0.006 N 
15 1 C5    A DT 8  ? ? C6    A DT 8  ? ? 1.409 1.339 0.070  0.007 N 
16 1 C5    A DT 8  ? ? C7    A DT 8  ? ? 1.545 1.496 0.049  0.006 N 
17 1 C5    A DC 9  ? ? C6    A DC 9  ? ? 1.394 1.339 0.055  0.008 N 
18 1 N3    A DG 10 ? ? C4    A DG 10 ? ? 1.422 1.350 0.072  0.007 N 
19 1 N7    A DG 10 ? ? C8    A DG 10 ? ? 1.353 1.305 0.048  0.006 N 
20 1 C5    A DC 11 ? ? C6    A DC 11 ? ? 1.407 1.339 0.068  0.008 N 
21 1 N3    A DG 12 ? ? C4    A DG 12 ? ? 1.422 1.350 0.072  0.007 N 
22 1 N7    A DG 12 ? ? C8    A DG 12 ? ? 1.345 1.305 0.040  0.006 N 
23 1 C5    B DC 13 ? ? C6    B DC 13 ? ? 1.408 1.339 0.069  0.008 N 
24 1 N3    B DG 14 ? ? C4    B DG 14 ? ? 1.420 1.350 0.070  0.007 N 
25 1 C5    B DG 14 ? ? N7    B DG 14 ? ? 1.349 1.388 -0.039 0.006 N 
26 1 C5    B DC 15 ? ? C6    B DC 15 ? ? 1.410 1.339 0.071  0.008 N 
27 1 C5    B DG 16 ? ? C6    B DG 16 ? ? 1.482 1.419 0.063  0.010 N 
28 1 N3    B DA 17 ? ? C4    B DA 17 ? ? 1.384 1.344 0.040  0.006 N 
29 1 N3    B DA 18 ? ? C4    B DA 18 ? ? 1.398 1.344 0.054  0.006 N 
30 1 C5    B DA 18 ? ? N7    B DA 18 ? ? 1.339 1.388 -0.049 0.006 N 
31 1 C5    B DT 19 ? ? C6    B DT 19 ? ? 1.410 1.339 0.071  0.007 N 
32 1 C5    B DT 20 ? ? C6    B DT 20 ? ? 1.398 1.339 0.059  0.007 N 
33 1 C4    B DC 21 ? ? N4    B DC 21 ? ? 1.391 1.335 0.056  0.009 N 
34 1 N3    B DC 21 ? ? C4    B DC 21 ? ? 1.383 1.335 0.048  0.007 N 
35 1 C5    B DG 22 ? ? N7    B DG 22 ? ? 1.345 1.388 -0.043 0.006 N 
36 1 N7    B DG 22 ? ? C8    B DG 22 ? ? 1.352 1.305 0.047  0.006 N 
37 1 C5    B DC 23 ? ? C6    B DC 23 ? ? 1.409 1.339 0.070  0.008 N 
38 1 C5    B DG 24 ? ? N7    B DG 24 ? ? 1.331 1.388 -0.057 0.006 N 
39 1 N7    B DG 24 ? ? C8    B DG 24 ? ? 1.352 1.305 0.047  0.006 N 
# 
loop_
_pdbx_validate_rmsd_angle.id 
_pdbx_validate_rmsd_angle.PDB_model_num 
_pdbx_validate_rmsd_angle.auth_atom_id_1 
_pdbx_validate_rmsd_angle.auth_asym_id_1 
_pdbx_validate_rmsd_angle.auth_comp_id_1 
_pdbx_validate_rmsd_angle.auth_seq_id_1 
_pdbx_validate_rmsd_angle.PDB_ins_code_1 
_pdbx_validate_rmsd_angle.label_alt_id_1 
_pdbx_validate_rmsd_angle.auth_atom_id_2 
_pdbx_validate_rmsd_angle.auth_asym_id_2 
_pdbx_validate_rmsd_angle.auth_comp_id_2 
_pdbx_validate_rmsd_angle.auth_seq_id_2 
_pdbx_validate_rmsd_angle.PDB_ins_code_2 
_pdbx_validate_rmsd_angle.label_alt_id_2 
_pdbx_validate_rmsd_angle.auth_atom_id_3 
_pdbx_validate_rmsd_angle.auth_asym_id_3 
_pdbx_validate_rmsd_angle.auth_comp_id_3 
_pdbx_validate_rmsd_angle.auth_seq_id_3 
_pdbx_validate_rmsd_angle.PDB_ins_code_3 
_pdbx_validate_rmsd_angle.label_alt_id_3 
_pdbx_validate_rmsd_angle.angle_value 
_pdbx_validate_rmsd_angle.angle_target_value 
_pdbx_validate_rmsd_angle.angle_deviation 
_pdbx_validate_rmsd_angle.angle_standard_deviation 
_pdbx_validate_rmsd_angle.linker_flag 
1  1 "C5'" A DC 1  ? ? "C4'" A DC 1  ? ? "O4'" A DC 1  ? ? 121.14 109.80 11.34  1.10 N 
2  1 "O4'" A DC 1  ? ? "C1'" A DC 1  ? ? N1    A DC 1  ? ? 111.52 108.30 3.22   0.30 N 
3  1 "O5'" A DG 2  ? ? "C5'" A DG 2  ? ? "C4'" A DG 2  ? ? 103.16 109.40 -6.24  0.80 N 
4  1 C2    A DG 2  ? ? N3    A DG 2  ? ? C4    A DG 2  ? ? 115.73 111.90 3.83   0.50 N 
5  1 N3    A DG 2  ? ? C4    A DG 2  ? ? C5    A DG 2  ? ? 125.23 128.60 -3.37  0.50 N 
6  1 "O4'" A DC 3  ? ? "C1'" A DC 3  ? ? N1    A DC 3  ? ? 102.89 108.00 -5.11  0.70 N 
7  1 "O5'" A DG 4  ? ? "C5'" A DG 4  ? ? "C4'" A DG 4  ? ? 104.52 109.40 -4.88  0.80 N 
8  1 C2    A DG 4  ? ? N3    A DG 4  ? ? C4    A DG 4  ? ? 116.74 111.90 4.84   0.50 N 
9  1 C8    A DA 5  ? ? N9    A DA 5  ? ? C4    A DA 5  ? ? 103.19 105.80 -2.61  0.40 N 
10 1 "O3'" A DA 5  ? ? P     A DA 6  ? ? OP2   A DA 6  ? ? 119.24 110.50 8.74   1.10 Y 
11 1 OP1   A DA 6  ? ? P     A DA 6  ? ? OP2   A DA 6  ? ? 110.40 119.60 -9.20  1.50 N 
12 1 "O5'" A DA 6  ? ? "C5'" A DA 6  ? ? "C4'" A DA 6  ? ? 104.16 109.40 -5.24  0.80 N 
13 1 "O4'" A DA 6  ? ? "C1'" A DA 6  ? ? N9    A DA 6  ? ? 114.04 108.30 5.74   0.30 N 
14 1 "O5'" A DT 7  ? ? "C5'" A DT 7  ? ? "C4'" A DT 7  ? ? 104.05 109.40 -5.35  0.80 N 
15 1 C2    A DT 7  ? ? N3    A DT 7  ? ? C4    A DT 7  ? ? 122.85 127.20 -4.35  0.60 N 
16 1 N3    A DT 7  ? ? C4    A DT 7  ? ? C5    A DT 7  ? ? 118.86 115.20 3.66   0.60 N 
17 1 C6    A DT 7  ? ? C5    A DT 7  ? ? C7    A DT 7  ? ? 118.51 122.90 -4.39  0.60 N 
18 1 "O5'" A DT 8  ? ? "C5'" A DT 8  ? ? "C4'" A DT 8  ? ? 104.00 109.40 -5.40  0.80 N 
19 1 C2    A DT 8  ? ? N3    A DT 8  ? ? C4    A DT 8  ? ? 123.01 127.20 -4.19  0.60 N 
20 1 N3    A DT 8  ? ? C4    A DT 8  ? ? C5    A DT 8  ? ? 119.38 115.20 4.18   0.60 N 
21 1 N3    A DT 8  ? ? C2    A DT 8  ? ? O2    A DT 8  ? ? 118.44 122.30 -3.86  0.60 N 
22 1 N3    A DT 8  ? ? C4    A DT 8  ? ? O4    A DT 8  ? ? 114.30 119.90 -5.60  0.60 N 
23 1 C4    A DT 8  ? ? C5    A DT 8  ? ? C7    A DT 8  ? ? 122.74 119.00 3.74   0.60 N 
24 1 "O5'" A DC 9  ? ? "C5'" A DC 9  ? ? "C4'" A DC 9  ? ? 101.95 109.40 -7.45  0.80 N 
25 1 "C3'" A DG 10 ? ? "C2'" A DG 10 ? ? "C1'" A DG 10 ? ? 97.30  102.40 -5.10  0.80 N 
26 1 "O4'" A DG 10 ? ? "C1'" A DG 10 ? ? N9    A DG 10 ? ? 111.97 108.30 3.67   0.30 N 
27 1 N3    A DG 10 ? ? C4    A DG 10 ? ? C5    A DG 10 ? ? 125.40 128.60 -3.20  0.50 N 
28 1 "O4'" A DC 11 ? ? "C1'" A DC 11 ? ? N1    A DC 11 ? ? 111.39 108.30 3.09   0.30 N 
29 1 "C5'" A DG 12 ? ? "C4'" A DG 12 ? ? "C3'" A DG 12 ? ? 123.43 115.70 7.73   1.20 N 
30 1 C2    A DG 12 ? ? N3    A DG 12 ? ? C4    A DG 12 ? ? 115.08 111.90 3.18   0.50 N 
31 1 "C5'" B DC 13 ? ? "C4'" B DC 13 ? ? "O4'" B DC 13 ? ? 120.61 109.80 10.81  1.10 N 
32 1 "O4'" B DC 13 ? ? "C1'" B DC 13 ? ? N1    B DC 13 ? ? 118.60 108.30 10.30  0.30 N 
33 1 C2    B DG 14 ? ? N3    B DG 14 ? ? C4    B DG 14 ? ? 115.31 111.90 3.41   0.50 N 
34 1 N3    B DG 14 ? ? C4    B DG 14 ? ? C5    B DG 14 ? ? 124.93 128.60 -3.67  0.50 N 
35 1 N3    B DG 14 ? ? C4    B DG 14 ? ? N9    B DG 14 ? ? 129.88 126.00 3.88   0.60 N 
36 1 C5    B DG 14 ? ? C6    B DG 14 ? ? O6    B DG 14 ? ? 124.83 128.60 -3.77  0.60 N 
37 1 "O5'" B DC 15 ? ? "C5'" B DC 15 ? ? "C4'" B DC 15 ? ? 103.14 109.40 -6.26  0.80 N 
38 1 C2    B DG 16 ? ? N3    B DG 16 ? ? C4    B DG 16 ? ? 116.37 111.90 4.47   0.50 N 
39 1 N3    B DG 16 ? ? C4    B DG 16 ? ? C5    B DG 16 ? ? 125.45 128.60 -3.15  0.50 N 
40 1 OP1   B DA 17 ? ? P     B DA 17 ? ? OP2   B DA 17 ? ? 107.69 119.60 -11.91 1.50 N 
41 1 "C5'" B DA 17 ? ? "C4'" B DA 17 ? ? "O4'" B DA 17 ? ? 118.39 109.80 8.59   1.10 N 
42 1 "O4'" B DA 17 ? ? "C1'" B DA 17 ? ? N9    B DA 17 ? ? 111.22 108.30 2.92   0.30 N 
43 1 "O5'" B DA 18 ? ? "C5'" B DA 18 ? ? "C4'" B DA 18 ? ? 103.54 109.40 -5.86  0.80 N 
44 1 "O4'" B DT 19 ? ? "C1'" B DT 19 ? ? N1    B DT 19 ? ? 111.68 108.30 3.38   0.30 N 
45 1 C2    B DT 19 ? ? N3    B DT 19 ? ? C4    B DT 19 ? ? 123.37 127.20 -3.83  0.60 N 
46 1 "O4'" B DT 20 ? ? "C1'" B DT 20 ? ? N1    B DT 20 ? ? 103.76 108.00 -4.24  0.70 N 
47 1 C2    B DT 20 ? ? N3    B DT 20 ? ? C4    B DT 20 ? ? 123.00 127.20 -4.20  0.60 N 
48 1 N3    B DT 20 ? ? C4    B DT 20 ? ? C5    B DT 20 ? ? 119.47 115.20 4.27   0.60 N 
49 1 "O5'" B DC 21 ? ? "C5'" B DC 21 ? ? "C4'" B DC 21 ? ? 103.12 109.40 -6.28  0.80 N 
50 1 "C1'" B DC 21 ? ? "O4'" B DC 21 ? ? "C4'" B DC 21 ? ? 103.38 110.10 -6.72  1.00 N 
51 1 N3    B DC 21 ? ? C4    B DC 21 ? ? N4    B DC 21 ? ? 124.55 118.00 6.55   0.70 N 
52 1 C5    B DC 21 ? ? C4    B DC 21 ? ? N4    B DC 21 ? ? 114.60 120.20 -5.60  0.70 N 
53 1 "O3'" B DC 21 ? ? P     B DG 22 ? ? OP2   B DG 22 ? ? 122.07 110.50 11.57  1.10 Y 
54 1 "O4'" B DG 22 ? ? "C4'" B DG 22 ? ? "C3'" B DG 22 ? ? 101.64 104.50 -2.86  0.40 N 
55 1 C2    B DG 22 ? ? N3    B DG 22 ? ? C4    B DG 22 ? ? 115.93 111.90 4.03   0.50 N 
56 1 C8    B DG 22 ? ? N9    B DG 22 ? ? C4    B DG 22 ? ? 102.76 106.40 -3.64  0.40 N 
57 1 N9    B DG 22 ? ? C4    B DG 22 ? ? C5    B DG 22 ? ? 108.54 105.40 3.14   0.40 N 
58 1 "O4'" B DC 23 ? ? "C1'" B DC 23 ? ? N1    B DC 23 ? ? 112.09 108.30 3.79   0.30 N 
59 1 C2    B DC 23 ? ? N3    B DC 23 ? ? C4    B DC 23 ? ? 123.40 119.90 3.50   0.50 N 
60 1 N1    B DC 23 ? ? C2    B DC 23 ? ? O2    B DC 23 ? ? 122.50 118.90 3.60   0.60 N 
61 1 "C4'" B DG 24 ? ? "C3'" B DG 24 ? ? "C2'" B DG 24 ? ? 95.51  102.20 -6.69  0.70 N 
62 1 C2    B DG 24 ? ? N3    B DG 24 ? ? C4    B DG 24 ? ? 116.40 111.90 4.50   0.50 N 
63 1 N3    B DG 24 ? ? C4    B DG 24 ? ? C5    B DG 24 ? ? 124.74 128.60 -3.86  0.50 N 
64 1 C8    B DG 24 ? ? N9    B DG 24 ? ? C4    B DG 24 ? ? 102.79 106.40 -3.61  0.40 N 
65 1 N9    B DG 24 ? ? C4    B DG 24 ? ? C5    B DG 24 ? ? 109.10 105.40 3.70   0.40 N 
66 1 N1    B DG 24 ? ? C6    B DG 24 ? ? O6    B DG 24 ? ? 115.76 119.90 -4.14  0.60 N 
# 
_pdbx_validate_chiral.id              1 
_pdbx_validate_chiral.PDB_model_num   1 
_pdbx_validate_chiral.auth_atom_id    "C1'" 
_pdbx_validate_chiral.label_alt_id    ? 
_pdbx_validate_chiral.auth_asym_id    B 
_pdbx_validate_chiral.auth_comp_id    DT 
_pdbx_validate_chiral.auth_seq_id     19 
_pdbx_validate_chiral.PDB_ins_code    ? 
_pdbx_validate_chiral.details         'WRONG HAND' 
_pdbx_validate_chiral.omega           . 
# 
loop_
_pdbx_validate_planes.id 
_pdbx_validate_planes.PDB_model_num 
_pdbx_validate_planes.auth_comp_id 
_pdbx_validate_planes.auth_asym_id 
_pdbx_validate_planes.auth_seq_id 
_pdbx_validate_planes.PDB_ins_code 
_pdbx_validate_planes.label_alt_id 
_pdbx_validate_planes.rmsd 
_pdbx_validate_planes.type 
1 1 DG A 2  ? ? 0.089 'SIDE CHAIN' 
2 1 DT A 8  ? ? 0.071 'SIDE CHAIN' 
3 1 DG A 12 ? ? 0.077 'SIDE CHAIN' 
4 1 DG B 14 ? ? 0.063 'SIDE CHAIN' 
5 1 DC B 15 ? ? 0.082 'SIDE CHAIN' 
6 1 DG B 16 ? ? 0.137 'SIDE CHAIN' 
7 1 DA B 17 ? ? 0.086 'SIDE CHAIN' 
8 1 DC B 23 ? ? 0.094 'SIDE CHAIN' 
# 
_struct_site_keywords.site_id   1 
_struct_site_keywords.text      'OUTSIDE BINDER' 
# 
loop_
_refine_B_iso.class 
_refine_B_iso.details 
_refine_B_iso.treatment 
_refine_B_iso.pdbx_refine_id 
'ALL ATOMS'    TR isotropic   'X-RAY DIFFRACTION' 
'ALL PT ATOMS' TR anisotropic 'X-RAY DIFFRACTION' 
'ALL WATERS'   TR isotropic   'X-RAY DIFFRACTION' 
# 
loop_
_refine_occupancy.class 
_refine_occupancy.treatment 
_refine_occupancy.pdbx_refine_id 
'ALL ATOMS'    fix 'X-RAY DIFFRACTION' 
'ALL PT ATOMS' fix 'X-RAY DIFFRACTION' 
'ALL WATERS'   fix 'X-RAY DIFFRACTION' 
# 
loop_
_chem_comp_atom.comp_id 
_chem_comp_atom.atom_id 
_chem_comp_atom.type_symbol 
_chem_comp_atom.pdbx_aromatic_flag 
_chem_comp_atom.pdbx_stereo_config 
_chem_comp_atom.pdbx_ordinal 
DA  OP3    O  N N 1   
DA  P      P  N N 2   
DA  OP1    O  N N 3   
DA  OP2    O  N N 4   
DA  "O5'"  O  N N 5   
DA  "C5'"  C  N N 6   
DA  "C4'"  C  N R 7   
DA  "O4'"  O  N N 8   
DA  "C3'"  C  N S 9   
DA  "O3'"  O  N N 10  
DA  "C2'"  C  N N 11  
DA  "C1'"  C  N R 12  
DA  N9     N  Y N 13  
DA  C8     C  Y N 14  
DA  N7     N  Y N 15  
DA  C5     C  Y N 16  
DA  C6     C  Y N 17  
DA  N6     N  N N 18  
DA  N1     N  Y N 19  
DA  C2     C  Y N 20  
DA  N3     N  Y N 21  
DA  C4     C  Y N 22  
DA  HOP3   H  N N 23  
DA  HOP2   H  N N 24  
DA  "H5'"  H  N N 25  
DA  "H5''" H  N N 26  
DA  "H4'"  H  N N 27  
DA  "H3'"  H  N N 28  
DA  "HO3'" H  N N 29  
DA  "H2'"  H  N N 30  
DA  "H2''" H  N N 31  
DA  "H1'"  H  N N 32  
DA  H8     H  N N 33  
DA  H61    H  N N 34  
DA  H62    H  N N 35  
DA  H2     H  N N 36  
DC  OP3    O  N N 37  
DC  P      P  N N 38  
DC  OP1    O  N N 39  
DC  OP2    O  N N 40  
DC  "O5'"  O  N N 41  
DC  "C5'"  C  N N 42  
DC  "C4'"  C  N R 43  
DC  "O4'"  O  N N 44  
DC  "C3'"  C  N S 45  
DC  "O3'"  O  N N 46  
DC  "C2'"  C  N N 47  
DC  "C1'"  C  N R 48  
DC  N1     N  N N 49  
DC  C2     C  N N 50  
DC  O2     O  N N 51  
DC  N3     N  N N 52  
DC  C4     C  N N 53  
DC  N4     N  N N 54  
DC  C5     C  N N 55  
DC  C6     C  N N 56  
DC  HOP3   H  N N 57  
DC  HOP2   H  N N 58  
DC  "H5'"  H  N N 59  
DC  "H5''" H  N N 60  
DC  "H4'"  H  N N 61  
DC  "H3'"  H  N N 62  
DC  "HO3'" H  N N 63  
DC  "H2'"  H  N N 64  
DC  "H2''" H  N N 65  
DC  "H1'"  H  N N 66  
DC  H41    H  N N 67  
DC  H42    H  N N 68  
DC  H5     H  N N 69  
DC  H6     H  N N 70  
DG  OP3    O  N N 71  
DG  P      P  N N 72  
DG  OP1    O  N N 73  
DG  OP2    O  N N 74  
DG  "O5'"  O  N N 75  
DG  "C5'"  C  N N 76  
DG  "C4'"  C  N R 77  
DG  "O4'"  O  N N 78  
DG  "C3'"  C  N S 79  
DG  "O3'"  O  N N 80  
DG  "C2'"  C  N N 81  
DG  "C1'"  C  N R 82  
DG  N9     N  Y N 83  
DG  C8     C  Y N 84  
DG  N7     N  Y N 85  
DG  C5     C  Y N 86  
DG  C6     C  N N 87  
DG  O6     O  N N 88  
DG  N1     N  N N 89  
DG  C2     C  N N 90  
DG  N2     N  N N 91  
DG  N3     N  N N 92  
DG  C4     C  Y N 93  
DG  HOP3   H  N N 94  
DG  HOP2   H  N N 95  
DG  "H5'"  H  N N 96  
DG  "H5''" H  N N 97  
DG  "H4'"  H  N N 98  
DG  "H3'"  H  N N 99  
DG  "HO3'" H  N N 100 
DG  "H2'"  H  N N 101 
DG  "H2''" H  N N 102 
DG  "H1'"  H  N N 103 
DG  H8     H  N N 104 
DG  H1     H  N N 105 
DG  H21    H  N N 106 
DG  H22    H  N N 107 
DT  OP3    O  N N 108 
DT  P      P  N N 109 
DT  OP1    O  N N 110 
DT  OP2    O  N N 111 
DT  "O5'"  O  N N 112 
DT  "C5'"  C  N N 113 
DT  "C4'"  C  N R 114 
DT  "O4'"  O  N N 115 
DT  "C3'"  C  N S 116 
DT  "O3'"  O  N N 117 
DT  "C2'"  C  N N 118 
DT  "C1'"  C  N R 119 
DT  N1     N  N N 120 
DT  C2     C  N N 121 
DT  O2     O  N N 122 
DT  N3     N  N N 123 
DT  C4     C  N N 124 
DT  O4     O  N N 125 
DT  C5     C  N N 126 
DT  C7     C  N N 127 
DT  C6     C  N N 128 
DT  HOP3   H  N N 129 
DT  HOP2   H  N N 130 
DT  "H5'"  H  N N 131 
DT  "H5''" H  N N 132 
DT  "H4'"  H  N N 133 
DT  "H3'"  H  N N 134 
DT  "HO3'" H  N N 135 
DT  "H2'"  H  N N 136 
DT  "H2''" H  N N 137 
DT  "H1'"  H  N N 138 
DT  H3     H  N N 139 
DT  H71    H  N N 140 
DT  H72    H  N N 141 
DT  H73    H  N N 142 
DT  H6     H  N N 143 
HOH O      O  N N 144 
HOH H1     H  N N 145 
HOH H2     H  N N 146 
PTN PT     PT N N 147 
PTN N1     N  N N 148 
PTN N2     N  N N 149 
PTN N3     N  N N 150 
PTN H11    H  N N 151 
PTN H12    H  N N 152 
PTN H13    H  N N 153 
PTN H21    H  N N 154 
PTN H22    H  N N 155 
PTN H23    H  N N 156 
PTN H31    H  N N 157 
PTN H32    H  N N 158 
PTN H33    H  N N 159 
# 
loop_
_chem_comp_bond.comp_id 
_chem_comp_bond.atom_id_1 
_chem_comp_bond.atom_id_2 
_chem_comp_bond.value_order 
_chem_comp_bond.pdbx_aromatic_flag 
_chem_comp_bond.pdbx_stereo_config 
_chem_comp_bond.pdbx_ordinal 
DA  OP3   P      sing N N 1   
DA  OP3   HOP3   sing N N 2   
DA  P     OP1    doub N N 3   
DA  P     OP2    sing N N 4   
DA  P     "O5'"  sing N N 5   
DA  OP2   HOP2   sing N N 6   
DA  "O5'" "C5'"  sing N N 7   
DA  "C5'" "C4'"  sing N N 8   
DA  "C5'" "H5'"  sing N N 9   
DA  "C5'" "H5''" sing N N 10  
DA  "C4'" "O4'"  sing N N 11  
DA  "C4'" "C3'"  sing N N 12  
DA  "C4'" "H4'"  sing N N 13  
DA  "O4'" "C1'"  sing N N 14  
DA  "C3'" "O3'"  sing N N 15  
DA  "C3'" "C2'"  sing N N 16  
DA  "C3'" "H3'"  sing N N 17  
DA  "O3'" "HO3'" sing N N 18  
DA  "C2'" "C1'"  sing N N 19  
DA  "C2'" "H2'"  sing N N 20  
DA  "C2'" "H2''" sing N N 21  
DA  "C1'" N9     sing N N 22  
DA  "C1'" "H1'"  sing N N 23  
DA  N9    C8     sing Y N 24  
DA  N9    C4     sing Y N 25  
DA  C8    N7     doub Y N 26  
DA  C8    H8     sing N N 27  
DA  N7    C5     sing Y N 28  
DA  C5    C6     sing Y N 29  
DA  C5    C4     doub Y N 30  
DA  C6    N6     sing N N 31  
DA  C6    N1     doub Y N 32  
DA  N6    H61    sing N N 33  
DA  N6    H62    sing N N 34  
DA  N1    C2     sing Y N 35  
DA  C2    N3     doub Y N 36  
DA  C2    H2     sing N N 37  
DA  N3    C4     sing Y N 38  
DC  OP3   P      sing N N 39  
DC  OP3   HOP3   sing N N 40  
DC  P     OP1    doub N N 41  
DC  P     OP2    sing N N 42  
DC  P     "O5'"  sing N N 43  
DC  OP2   HOP2   sing N N 44  
DC  "O5'" "C5'"  sing N N 45  
DC  "C5'" "C4'"  sing N N 46  
DC  "C5'" "H5'"  sing N N 47  
DC  "C5'" "H5''" sing N N 48  
DC  "C4'" "O4'"  sing N N 49  
DC  "C4'" "C3'"  sing N N 50  
DC  "C4'" "H4'"  sing N N 51  
DC  "O4'" "C1'"  sing N N 52  
DC  "C3'" "O3'"  sing N N 53  
DC  "C3'" "C2'"  sing N N 54  
DC  "C3'" "H3'"  sing N N 55  
DC  "O3'" "HO3'" sing N N 56  
DC  "C2'" "C1'"  sing N N 57  
DC  "C2'" "H2'"  sing N N 58  
DC  "C2'" "H2''" sing N N 59  
DC  "C1'" N1     sing N N 60  
DC  "C1'" "H1'"  sing N N 61  
DC  N1    C2     sing N N 62  
DC  N1    C6     sing N N 63  
DC  C2    O2     doub N N 64  
DC  C2    N3     sing N N 65  
DC  N3    C4     doub N N 66  
DC  C4    N4     sing N N 67  
DC  C4    C5     sing N N 68  
DC  N4    H41    sing N N 69  
DC  N4    H42    sing N N 70  
DC  C5    C6     doub N N 71  
DC  C5    H5     sing N N 72  
DC  C6    H6     sing N N 73  
DG  OP3   P      sing N N 74  
DG  OP3   HOP3   sing N N 75  
DG  P     OP1    doub N N 76  
DG  P     OP2    sing N N 77  
DG  P     "O5'"  sing N N 78  
DG  OP2   HOP2   sing N N 79  
DG  "O5'" "C5'"  sing N N 80  
DG  "C5'" "C4'"  sing N N 81  
DG  "C5'" "H5'"  sing N N 82  
DG  "C5'" "H5''" sing N N 83  
DG  "C4'" "O4'"  sing N N 84  
DG  "C4'" "C3'"  sing N N 85  
DG  "C4'" "H4'"  sing N N 86  
DG  "O4'" "C1'"  sing N N 87  
DG  "C3'" "O3'"  sing N N 88  
DG  "C3'" "C2'"  sing N N 89  
DG  "C3'" "H3'"  sing N N 90  
DG  "O3'" "HO3'" sing N N 91  
DG  "C2'" "C1'"  sing N N 92  
DG  "C2'" "H2'"  sing N N 93  
DG  "C2'" "H2''" sing N N 94  
DG  "C1'" N9     sing N N 95  
DG  "C1'" "H1'"  sing N N 96  
DG  N9    C8     sing Y N 97  
DG  N9    C4     sing Y N 98  
DG  C8    N7     doub Y N 99  
DG  C8    H8     sing N N 100 
DG  N7    C5     sing Y N 101 
DG  C5    C6     sing N N 102 
DG  C5    C4     doub Y N 103 
DG  C6    O6     doub N N 104 
DG  C6    N1     sing N N 105 
DG  N1    C2     sing N N 106 
DG  N1    H1     sing N N 107 
DG  C2    N2     sing N N 108 
DG  C2    N3     doub N N 109 
DG  N2    H21    sing N N 110 
DG  N2    H22    sing N N 111 
DG  N3    C4     sing N N 112 
DT  OP3   P      sing N N 113 
DT  OP3   HOP3   sing N N 114 
DT  P     OP1    doub N N 115 
DT  P     OP2    sing N N 116 
DT  P     "O5'"  sing N N 117 
DT  OP2   HOP2   sing N N 118 
DT  "O5'" "C5'"  sing N N 119 
DT  "C5'" "C4'"  sing N N 120 
DT  "C5'" "H5'"  sing N N 121 
DT  "C5'" "H5''" sing N N 122 
DT  "C4'" "O4'"  sing N N 123 
DT  "C4'" "C3'"  sing N N 124 
DT  "C4'" "H4'"  sing N N 125 
DT  "O4'" "C1'"  sing N N 126 
DT  "C3'" "O3'"  sing N N 127 
DT  "C3'" "C2'"  sing N N 128 
DT  "C3'" "H3'"  sing N N 129 
DT  "O3'" "HO3'" sing N N 130 
DT  "C2'" "C1'"  sing N N 131 
DT  "C2'" "H2'"  sing N N 132 
DT  "C2'" "H2''" sing N N 133 
DT  "C1'" N1     sing N N 134 
DT  "C1'" "H1'"  sing N N 135 
DT  N1    C2     sing N N 136 
DT  N1    C6     sing N N 137 
DT  C2    O2     doub N N 138 
DT  C2    N3     sing N N 139 
DT  N3    C4     sing N N 140 
DT  N3    H3     sing N N 141 
DT  C4    O4     doub N N 142 
DT  C4    C5     sing N N 143 
DT  C5    C7     sing N N 144 
DT  C5    C6     doub N N 145 
DT  C7    H71    sing N N 146 
DT  C7    H72    sing N N 147 
DT  C7    H73    sing N N 148 
DT  C6    H6     sing N N 149 
HOH O     H1     sing N N 150 
HOH O     H2     sing N N 151 
PTN PT    N1     sing N N 152 
PTN PT    N2     sing N N 153 
PTN PT    N3     sing N N 154 
PTN N1    H11    sing N N 155 
PTN N1    H12    sing N N 156 
PTN N1    H13    sing N N 157 
PTN N2    H21    sing N N 158 
PTN N2    H22    sing N N 159 
PTN N2    H23    sing N N 160 
PTN N3    H31    sing N N 161 
PTN N3    H32    sing N N 162 
PTN N3    H33    sing N N 163 
# 
_ndb_struct_conf_na.entry_id   5BNA 
_ndb_struct_conf_na.feature    'b-form double helix' 
# 
loop_
_ndb_struct_na_base_pair.model_number 
_ndb_struct_na_base_pair.i_label_asym_id 
_ndb_struct_na_base_pair.i_label_comp_id 
_ndb_struct_na_base_pair.i_label_seq_id 
_ndb_struct_na_base_pair.i_symmetry 
_ndb_struct_na_base_pair.j_label_asym_id 
_ndb_struct_na_base_pair.j_label_comp_id 
_ndb_struct_na_base_pair.j_label_seq_id 
_ndb_struct_na_base_pair.j_symmetry 
_ndb_struct_na_base_pair.shear 
_ndb_struct_na_base_pair.stretch 
_ndb_struct_na_base_pair.stagger 
_ndb_struct_na_base_pair.buckle 
_ndb_struct_na_base_pair.propeller 
_ndb_struct_na_base_pair.opening 
_ndb_struct_na_base_pair.pair_number 
_ndb_struct_na_base_pair.pair_name 
_ndb_struct_na_base_pair.i_auth_asym_id 
_ndb_struct_na_base_pair.i_auth_seq_id 
_ndb_struct_na_base_pair.i_PDB_ins_code 
_ndb_struct_na_base_pair.j_auth_asym_id 
_ndb_struct_na_base_pair.j_auth_seq_id 
_ndb_struct_na_base_pair.j_PDB_ins_code 
_ndb_struct_na_base_pair.hbond_type_28 
_ndb_struct_na_base_pair.hbond_type_12 
1 A DC 1  1_555 B DG 12 1_555 0.311  -0.162 0.279  -1.273  -15.589 1.581   1  A_DC1:DG24_B  A 1  ? B 24 ? 19 1 
1 A DG 2  1_555 B DC 11 1_555 -1.494 -0.410 -0.130 -0.586  -21.217 -5.498  2  A_DG2:DC23_B  A 2  ? B 23 ? 19 1 
1 A DC 3  1_555 B DG 10 1_555 -0.258 -0.200 0.338  -4.270  1.361   -1.979  3  A_DC3:DG22_B  A 3  ? B 22 ? 19 1 
1 A DG 4  1_555 B DC 9  1_555 0.056  -0.063 0.281  17.633  -18.130 -2.848  4  A_DG4:DC21_B  A 4  ? B 21 ? 19 1 
1 A DA 5  1_555 B DT 8  1_555 -0.460 -0.273 0.180  4.959   -21.151 0.090   5  A_DA5:DT20_B  A 5  ? B 20 ? 20 1 
1 A DA 6  1_555 B DT 7  1_555 0.068  -0.097 -0.300 -9.043  -21.098 -10.957 6  A_DA6:DT19_B  A 6  ? B 19 ? 20 1 
1 A DT 7  1_555 B DA 6  1_555 -0.246 -0.035 0.381  -2.002  -23.317 8.591   7  A_DT7:DA18_B  A 7  ? B 18 ? 20 1 
1 A DT 8  1_555 B DA 5  1_555 -0.598 -0.185 -0.482 -0.150  -25.683 6.239   8  A_DT8:DA17_B  A 8  ? B 17 ? 20 1 
1 A DC 9  1_555 B DG 4  1_555 -0.125 -0.190 0.280  -22.554 -10.315 -0.472  9  A_DC9:DG16_B  A 9  ? B 16 ? 19 1 
1 A DG 10 1_555 B DC 3  1_555 -0.652 -0.004 0.023  4.347   -2.040  0.999   10 A_DG10:DC15_B A 10 ? B 15 ? 19 1 
1 A DC 11 1_555 B DG 2  1_555 -1.073 -0.262 1.077  2.208   -24.933 -12.984 11 A_DC11:DG14_B A 11 ? B 14 ? 19 1 
1 A DG 12 1_555 B DC 1  1_555 -1.377 -0.110 0.193  -1.384  10.180  7.158   12 A_DG12:DC13_B A 12 ? B 13 ? 19 1 
# 
loop_
_ndb_struct_na_base_pair_step.model_number 
_ndb_struct_na_base_pair_step.i_label_asym_id_1 
_ndb_struct_na_base_pair_step.i_label_comp_id_1 
_ndb_struct_na_base_pair_step.i_label_seq_id_1 
_ndb_struct_na_base_pair_step.i_symmetry_1 
_ndb_struct_na_base_pair_step.j_label_asym_id_1 
_ndb_struct_na_base_pair_step.j_label_comp_id_1 
_ndb_struct_na_base_pair_step.j_label_seq_id_1 
_ndb_struct_na_base_pair_step.j_symmetry_1 
_ndb_struct_na_base_pair_step.i_label_asym_id_2 
_ndb_struct_na_base_pair_step.i_label_comp_id_2 
_ndb_struct_na_base_pair_step.i_label_seq_id_2 
_ndb_struct_na_base_pair_step.i_symmetry_2 
_ndb_struct_na_base_pair_step.j_label_asym_id_2 
_ndb_struct_na_base_pair_step.j_label_comp_id_2 
_ndb_struct_na_base_pair_step.j_label_seq_id_2 
_ndb_struct_na_base_pair_step.j_symmetry_2 
_ndb_struct_na_base_pair_step.shift 
_ndb_struct_na_base_pair_step.slide 
_ndb_struct_na_base_pair_step.rise 
_ndb_struct_na_base_pair_step.tilt 
_ndb_struct_na_base_pair_step.roll 
_ndb_struct_na_base_pair_step.twist 
_ndb_struct_na_base_pair_step.x_displacement 
_ndb_struct_na_base_pair_step.y_displacement 
_ndb_struct_na_base_pair_step.helical_rise 
_ndb_struct_na_base_pair_step.inclination 
_ndb_struct_na_base_pair_step.tip 
_ndb_struct_na_base_pair_step.helical_twist 
_ndb_struct_na_base_pair_step.step_number 
_ndb_struct_na_base_pair_step.step_name 
_ndb_struct_na_base_pair_step.i_auth_asym_id_1 
_ndb_struct_na_base_pair_step.i_auth_seq_id_1 
_ndb_struct_na_base_pair_step.i_PDB_ins_code_1 
_ndb_struct_na_base_pair_step.j_auth_asym_id_1 
_ndb_struct_na_base_pair_step.j_auth_seq_id_1 
_ndb_struct_na_base_pair_step.j_PDB_ins_code_1 
_ndb_struct_na_base_pair_step.i_auth_asym_id_2 
_ndb_struct_na_base_pair_step.i_auth_seq_id_2 
_ndb_struct_na_base_pair_step.i_PDB_ins_code_2 
_ndb_struct_na_base_pair_step.j_auth_asym_id_2 
_ndb_struct_na_base_pair_step.j_auth_seq_id_2 
_ndb_struct_na_base_pair_step.j_PDB_ins_code_2 
1 A DC 1  1_555 B DG 12 1_555 A DG 2  1_555 B DC 11 1_555 -1.055 0.094  3.350 -1.886  6.152   28.540 -1.199 1.664  3.357 12.282  
3.765   29.241 1  AA_DC1DG2:DC23DG24_BB   A 1  ? B 24 ? A 2  ? B 23 ? 
1 A DG 2  1_555 B DC 11 1_555 A DC 3  1_555 B DG 10 1_555 0.450  0.836  3.545 -4.994  -9.759  43.475 2.032  -1.070 3.226 -12.931 
6.618   44.771 2  AA_DG2DC3:DG22DC23_BB   A 2  ? B 23 ? A 3  ? B 22 ? 
1 A DC 3  1_555 B DG 10 1_555 A DG 4  1_555 B DC 9  1_555 -0.297 0.613  3.122 5.241   5.577   29.643 0.096  1.563  3.087 10.679  
-10.035 30.594 3  AA_DC3DG4:DC21DG22_BB   A 3  ? B 22 ? A 4  ? B 21 ? 
1 A DG 4  1_555 B DC 9  1_555 A DA 5  1_555 B DT 8  1_555 0.260  -0.099 3.415 -1.233  1.778   34.479 -0.453 -0.637 3.394 2.996   
2.078   34.545 4  AA_DG4DA5:DT20DC21_BB   A 4  ? B 21 ? A 5  ? B 20 ? 
1 A DA 5  1_555 B DT 8  1_555 A DA 6  1_555 B DT 7  1_555 -0.146 -0.290 3.659 3.661   4.152   45.708 -0.769 0.537  3.599 5.323   
-4.692  46.024 5  AA_DA5DA6:DT19DT20_BB   A 5  ? B 20 ? A 6  ? B 19 ? 
1 A DA 6  1_555 B DT 7  1_555 A DT 7  1_555 B DA 6  1_555 0.441  -0.721 2.965 -2.326  0.200   26.599 -1.609 -1.500 2.911 0.434   
5.043   26.699 6  AA_DA6DT7:DA18DT19_BB   A 6  ? B 19 ? A 7  ? B 18 ? 
1 A DT 7  1_555 B DA 6  1_555 A DT 8  1_555 B DA 5  1_555 -0.494 -0.262 3.179 6.927   2.475   31.258 -0.898 2.079  2.975 4.515   
-12.637 32.091 7  AA_DT7DT8:DA17DA18_BB   A 7  ? B 18 ? A 8  ? B 17 ? 
1 A DT 8  1_555 B DA 5  1_555 A DC 9  1_555 B DG 4  1_555 0.257  0.327  3.763 -6.897  -1.066  45.577 0.523  -1.005 3.680 -1.366  
8.842   46.081 8  AA_DT8DC9:DG16DA17_BB   A 8  ? B 17 ? A 9  ? B 16 ? 
1 A DC 9  1_555 B DG 4  1_555 A DG 10 1_555 B DC 3  1_555 0.323  1.096  3.032 -2.454  4.572   23.922 1.231  -1.489 3.135 10.867  
5.832   24.470 9  AA_DC9DG10:DC15DG16_BB  A 9  ? B 16 ? A 10 ? B 15 ? 
1 A DG 10 1_555 B DC 3  1_555 A DC 11 1_555 B DG 2  1_555 -2.132 0.101  3.426 -11.448 -10.396 39.223 1.365  1.623  3.738 -14.806 
16.305  42.049 10 AA_DG10DC11:DG14DC15_BB A 10 ? B 15 ? A 11 ? B 14 ? 
1 A DC 11 1_555 B DG 2  1_555 A DG 12 1_555 B DC 1  1_555 2.200  0.587  3.830 1.421   -7.828  35.979 2.169  -3.257 3.707 -12.485 
-2.266  36.820 11 AA_DC11DG12:DC13DG14_BB A 11 ? B 14 ? A 12 ? B 13 ? 
# 
_atom_sites.entry_id                    5BNA 
_atom_sites.fract_transf_matrix[1][1]   0.03243426 
_atom_sites.fract_transf_matrix[1][2]   0.01990619 
_atom_sites.fract_transf_matrix[1][3]   -0.01627813 
_atom_sites.fract_transf_matrix[2][1]   -0.01486463 
_atom_sites.fract_transf_matrix[2][2]   0.01919671 
_atom_sites.fract_transf_matrix[2][3]   -0.00614258 
_atom_sites.fract_transf_matrix[3][1]   0.00277519 
_atom_sites.fract_transf_matrix[3][2]   0.00643711 
_atom_sites.fract_transf_matrix[3][3]   0.01340139 
_atom_sites.fract_transf_vector[1]      0.614792 
_atom_sites.fract_transf_vector[2]      0.526445 
_atom_sites.fract_transf_vector[3]      0.130128 
# 
loop_
_atom_sites_footnote.id 
_atom_sites_footnote.text 
1 
;THE ANISOTROPIC TEMPERATURE FACTORS FOR THE PLATINUM ATOMS ARE AS FOLLOWS ATOM B11 B22 B33 B12 B13 B23 PT1 PTN 25 0.01510 0.00438 0.00138 0.00214 0.00056 0.00026 PT1 PTN 26 0.01545 0.00544 0.00131-0.00462-0.00072 0.00017 PT1 PTN 27 0.00729 0.00382 0.00120-0.00092-0.00060 0.00039
;
2 'TEMPERATURE FACTORS WHICH WERE CALCULATED TO BE NON-POSITIVE-DEFINITE WERE ARBITRARILY SET TO 0.0 IN THE REFINEMENT PROCEDURE.' 
# 
loop_
_atom_type.symbol 
C  
N  
O  
P  
PT 
# 
loop_
_atom_site.group_PDB 
_atom_site.id 
_atom_site.type_symbol 
_atom_site.label_atom_id 
_atom_site.label_alt_id 
_atom_site.label_comp_id 
_atom_site.label_asym_id 
_atom_site.label_entity_id 
_atom_site.label_seq_id 
_atom_site.pdbx_PDB_ins_code 
_atom_site.Cartn_x 
_atom_site.Cartn_y 
_atom_site.Cartn_z 
_atom_site.occupancy 
_atom_site.B_iso_or_equiv 
_atom_site.pdbx_formal_charge 
_atom_site.auth_seq_id 
_atom_site.auth_comp_id 
_atom_site.auth_asym_id 
_atom_site.auth_atom_id 
_atom_site.pdbx_PDB_model_num 
ATOM   1   O  "O5'" . DC  A 1 1  ? -1.367  19.430  10.564  1.00 61.08  ? 1   DC  A "O5'" 1 
ATOM   2   C  "C5'" . DC  A 1 1  ? -1.503  18.391  9.570   1.00 24.08  ? 1   DC  A "C5'" 1 
ATOM   3   C  "C4'" . DC  A 1 1  ? -0.144  17.744  9.379   1.00 18.23  ? 1   DC  A "C4'" 1 
ATOM   4   O  "O4'" . DC  A 1 1  ? 0.414   16.844  10.389  1.00 12.15  ? 1   DC  A "O4'" 1 
ATOM   5   C  "C3'" . DC  A 1 1  ? 0.168   17.059  8.114   1.00 10.00  ? 1   DC  A "C3'" 1 
ATOM   6   O  "O3'" . DC  A 1 1  ? 1.581   17.244  7.867   1.00 23.15  ? 1   DC  A "O3'" 1 
ATOM   7   C  "C2'" . DC  A 1 1  ? -0.173  15.595  8.426   1.00 1.60   ? 1   DC  A "C2'" 1 
ATOM   8   C  "C1'" . DC  A 1 1  ? 0.439   15.495  9.821   1.00 7.44   ? 1   DC  A "C1'" 1 
ATOM   9   N  N1    . DC  A 1 1  ? -0.167  14.470  10.782  1.00 16.97  ? 1   DC  A N1    1 
ATOM   10  C  C2    . DC  A 1 1  ? 0.668   13.777  11.639  1.00 10.00  ? 1   DC  A C2    1 
ATOM   11  O  O2    . DC  A 1 1  ? 1.862   13.980  11.607  1.00 40.25  ? 1   DC  A O2    1 
ATOM   12  N  N3    . DC  A 1 1  ? 0.150   12.921  12.540  1.00 0.94   ? 1   DC  A N3    1 
ATOM   13  C  C4    . DC  A 1 1  ? -1.192  12.755  12.670  1.00 10.00  ? 1   DC  A C4    1 
ATOM   14  N  N4    . DC  A 1 1  ? -1.678  11.865  13.578  1.00 28.02  ? 1   DC  A N4    1 
ATOM   15  C  C5    . DC  A 1 1  ? -2.099  13.477  11.875  1.00 6.56   ? 1   DC  A C5    1 
ATOM   16  C  C6    . DC  A 1 1  ? -1.557  14.340  10.900  1.00 35.50  ? 1   DC  A C6    1 
ATOM   17  P  P     . DG  A 1 2  ? 2.131   16.937  6.453   1.00 28.55  ? 2   DG  A P     1 
ATOM   18  O  OP1   . DG  A 1 2  ? 2.683   18.184  5.815   1.00 28.48  ? 2   DG  A OP1   1 
ATOM   19  O  OP2   . DG  A 1 2  ? 1.060   16.135  5.677   1.00 27.38  ? 2   DG  A OP2   1 
ATOM   20  O  "O5'" . DG  A 1 2  ? 3.258   15.866  6.617   1.00 30.49  ? 2   DG  A "O5'" 1 
ATOM   21  C  "C5'" . DG  A 1 2  ? 4.557   16.160  7.132   1.00 22.03  ? 2   DG  A "C5'" 1 
ATOM   22  C  "C4'" . DG  A 1 2  ? 5.202   14.808  7.222   1.00 2.09   ? 2   DG  A "C4'" 1 
ATOM   23  O  "O4'" . DG  A 1 2  ? 4.348   13.976  8.049   1.00 24.48  ? 2   DG  A "O4'" 1 
ATOM   24  C  "C3'" . DG  A 1 2  ? 5.199   14.088  5.909   1.00 1.12   ? 2   DG  A "C3'" 1 
ATOM   25  O  "O3'" . DG  A 1 2  ? 6.484   13.767  5.541   1.00 21.39  ? 2   DG  A "O3'" 1 
ATOM   26  C  "C2'" . DG  A 1 2  ? 4.202   12.920  6.041   1.00 3.10   ? 2   DG  A "C2'" 1 
ATOM   27  C  "C1'" . DG  A 1 2  ? 4.308   12.647  7.501   1.00 10.36  ? 2   DG  A "C1'" 1 
ATOM   28  N  N9    . DG  A 1 2  ? 3.175   11.892  8.136   1.00 4.60   ? 2   DG  A N9    1 
ATOM   29  C  C8    . DG  A 1 2  ? 1.831   12.047  7.952   1.00 0.46   ? 2   DG  A C8    1 
ATOM   30  N  N7    . DG  A 1 2  ? 1.091   11.318  8.833   1.00 0.49   ? 2   DG  A N7    1 
ATOM   31  C  C5    . DG  A 1 2  ? 1.995   10.691  9.599   1.00 10.00  ? 2   DG  A C5    1 
ATOM   32  C  C6    . DG  A 1 2  ? 1.791   9.875   10.765  1.00 10.00  ? 2   DG  A C6    1 
ATOM   33  O  O6    . DG  A 1 2  ? 0.719   9.669   11.340  1.00 23.54  ? 2   DG  A O6    1 
ATOM   34  N  N1    . DG  A 1 2  ? 2.984   9.388   11.317  1.00 0.69   ? 2   DG  A N1    1 
ATOM   35  C  C2    . DG  A 1 2  ? 4.263   9.685   10.870  1.00 3.43   ? 2   DG  A C2    1 
ATOM   36  N  N2    . DG  A 1 2  ? 5.335   9.094   11.477  1.00 12.88  ? 2   DG  A N2    1 
ATOM   37  N  N3    . DG  A 1 2  ? 4.450   10.516  9.809   1.00 10.58  ? 2   DG  A N3    1 
ATOM   38  C  C4    . DG  A 1 2  ? 3.287   11.001  9.207   1.00 0.21   ? 2   DG  A C4    1 
ATOM   39  P  P     . DC  A 1 3  ? 6.806   12.959  4.219   1.00 24.65  ? 3   DC  A P     1 
ATOM   40  O  OP1   . DC  A 1 3  ? 8.095   13.558  3.738   1.00 34.53  ? 3   DC  A OP1   1 
ATOM   41  O  OP2   . DC  A 1 3  ? 5.643   12.923  3.251   1.00 26.34  ? 3   DC  A OP2   1 
ATOM   42  O  "O5'" . DC  A 1 3  ? 7.123   11.501  4.770   1.00 29.97  ? 3   DC  A "O5'" 1 
ATOM   43  C  "C5'" . DC  A 1 3  ? 8.304   11.226  5.585   1.00 13.81  ? 3   DC  A "C5'" 1 
ATOM   44  C  "C4'" . DC  A 1 3  ? 8.105   9.871   6.228   1.00 21.26  ? 3   DC  A "C4'" 1 
ATOM   45  O  "O4'" . DC  A 1 3  ? 6.811   9.810   6.847   1.00 6.66   ? 3   DC  A "O4'" 1 
ATOM   46  C  "C3'" . DC  A 1 3  ? 8.190   8.672   5.319   1.00 0.83   ? 3   DC  A "C3'" 1 
ATOM   47  O  "O3'" . DC  A 1 3  ? 9.398   7.970   5.438   1.00 22.56  ? 3   DC  A "O3'" 1 
ATOM   48  C  "C2'" . DC  A 1 3  ? 6.992   7.836   5.610   1.00 35.29  ? 3   DC  A "C2'" 1 
ATOM   49  C  "C1'" . DC  A 1 3  ? 6.456   8.447   6.895   1.00 7.43   ? 3   DC  A "C1'" 1 
ATOM   50  N  N1    . DC  A 1 3  ? 4.991   8.491   6.910   1.00 3.82   ? 3   DC  A N1    1 
ATOM   51  C  C2    . DC  A 1 3  ? 4.260   7.677   7.760   1.00 10.00  ? 3   DC  A C2    1 
ATOM   52  O  O2    . DC  A 1 3  ? 4.831   6.905   8.533   1.00 24.19  ? 3   DC  A O2    1 
ATOM   53  N  N3    . DC  A 1 3  ? 2.915   7.750   7.712   1.00 11.44  ? 3   DC  A N3    1 
ATOM   54  C  C4    . DC  A 1 3  ? 2.281   8.543   6.818   1.00 10.00  ? 3   DC  A C4    1 
ATOM   55  N  N4    . DC  A 1 3  ? 0.930   8.718   6.875   1.00 46.12  ? 3   DC  A N4    1 
ATOM   56  C  C5    . DC  A 1 3  ? 2.979   9.294   5.890   1.00 4.09   ? 3   DC  A C5    1 
ATOM   57  C  C6    . DC  A 1 3  ? 4.363   9.269   5.952   1.00 10.00  ? 3   DC  A C6    1 
ATOM   58  P  P     . DG  A 1 4  ? 9.745   6.744   4.514   1.00 25.52  ? 4   DG  A P     1 
ATOM   59  O  OP1   . DG  A 1 4  ? 11.246  6.526   4.353   1.00 16.65  ? 4   DG  A OP1   1 
ATOM   60  O  OP2   . DG  A 1 4  ? 8.895   6.791   3.238   1.00 8.68   ? 4   DG  A OP2   1 
ATOM   61  O  "O5'" . DG  A 1 4  ? 9.249   5.577   5.416   1.00 10.00  ? 4   DG  A "O5'" 1 
ATOM   62  C  "C5'" . DG  A 1 4  ? 9.791   5.312   6.720   1.00 10.00  ? 4   DG  A "C5'" 1 
ATOM   63  C  "C4'" . DG  A 1 4  ? 9.288   3.914   7.066   1.00 28.35  ? 4   DG  A "C4'" 1 
ATOM   64  O  "O4'" . DG  A 1 4  ? 7.865   4.021   7.216   1.00 23.72  ? 4   DG  A "O4'" 1 
ATOM   65  C  "C3'" . DG  A 1 4  ? 9.542   2.723   6.087   1.00 14.22  ? 4   DG  A "C3'" 1 
ATOM   66  O  "O3'" . DG  A 1 4  ? 9.913   1.537   6.726   1.00 9.01   ? 4   DG  A "O3'" 1 
ATOM   67  C  "C2'" . DG  A 1 4  ? 8.250   2.542   5.327   1.00 15.63  ? 4   DG  A "C2'" 1 
ATOM   68  C  "C1'" . DG  A 1 4  ? 7.204   3.114   6.296   1.00 13.61  ? 4   DG  A "C1'" 1 
ATOM   69  N  N9    . DG  A 1 4  ? 6.048   3.832   5.643   1.00 22.29  ? 4   DG  A N9    1 
ATOM   70  C  C8    . DG  A 1 4  ? 5.895   4.506   4.432   1.00 4.51   ? 4   DG  A C8    1 
ATOM   71  N  N7    . DG  A 1 4  ? 4.647   4.951   4.218   1.00 10.47  ? 4   DG  A N7    1 
ATOM   72  C  C5    . DG  A 1 4  ? 3.987   4.560   5.341   1.00 37.10  ? 4   DG  A C5    1 
ATOM   73  C  C6    . DG  A 1 4  ? 2.588   4.715   5.729   1.00 34.64  ? 4   DG  A C6    1 
ATOM   74  O  O6    . DG  A 1 4  ? 1.686   5.243   5.069   1.00 41.61  ? 4   DG  A O6    1 
ATOM   75  N  N1    . DG  A 1 4  ? 2.270   4.108   6.953   1.00 7.94   ? 4   DG  A N1    1 
ATOM   76  C  C2    . DG  A 1 4  ? 3.147   3.415   7.757   1.00 0.66   ? 4   DG  A C2    1 
ATOM   77  N  N2    . DG  A 1 4  ? 2.674   2.798   8.884   1.00 19.91  ? 4   DG  A N2    1 
ATOM   78  N  N3    . DG  A 1 4  ? 4.436   3.294   7.407   1.00 18.06  ? 4   DG  A N3    1 
ATOM   79  C  C4    . DG  A 1 4  ? 4.815   3.881   6.210   1.00 38.88  ? 4   DG  A C4    1 
ATOM   80  P  P     . DA  A 1 5  ? 10.184  0.190   5.915   1.00 27.81  ? 5   DA  A P     1 
ATOM   81  O  OP1   . DA  A 1 5  ? 11.618  -0.158  6.173   1.00 18.53  ? 5   DA  A OP1   1 
ATOM   82  O  OP2   . DA  A 1 5  ? 9.737   0.151   4.520   1.00 7.87   ? 5   DA  A OP2   1 
ATOM   83  O  "O5'" . DA  A 1 5  ? 9.164   -0.855  6.574   1.00 31.39  ? 5   DA  A "O5'" 1 
ATOM   84  C  "C5'" . DA  A 1 5  ? 8.795   -0.821  7.988   1.00 5.74   ? 5   DA  A "C5'" 1 
ATOM   85  C  "C4'" . DA  A 1 5  ? 7.308   -1.165  8.153   1.00 6.95   ? 5   DA  A "C4'" 1 
ATOM   86  O  "O4'" . DA  A 1 5  ? 6.543   -0.216  7.439   1.00 10.00  ? 5   DA  A "O4'" 1 
ATOM   87  C  "C3'" . DA  A 1 5  ? 6.810   -2.502  7.640   1.00 32.74  ? 5   DA  A "C3'" 1 
ATOM   88  O  "O3'" . DA  A 1 5  ? 6.434   -3.418  8.681   1.00 28.84  ? 5   DA  A "O3'" 1 
ATOM   89  C  "C2'" . DA  A 1 5  ? 5.687   -2.150  6.675   1.00 16.37  ? 5   DA  A "C2'" 1 
ATOM   90  C  "C1'" . DA  A 1 5  ? 5.310   -0.772  7.091   1.00 10.00  ? 5   DA  A "C1'" 1 
ATOM   91  N  N9    . DA  A 1 5  ? 4.766   0.060   5.980   1.00 3.50   ? 5   DA  A N9    1 
ATOM   92  C  C8    . DA  A 1 5  ? 5.442   0.617   4.892   1.00 7.99   ? 5   DA  A C8    1 
ATOM   93  N  N7    . DA  A 1 5  ? 4.665   1.325   4.043   1.00 8.41   ? 5   DA  A N7    1 
ATOM   94  C  C5    . DA  A 1 5  ? 3.444   1.250   4.607   1.00 20.96  ? 5   DA  A C5    1 
ATOM   95  C  C6    . DA  A 1 5  ? 2.131   1.789   4.243   1.00 11.79  ? 5   DA  A C6    1 
ATOM   96  N  N6    . DA  A 1 5  ? 1.924   2.484   3.110   1.00 23.58  ? 5   DA  A N6    1 
ATOM   97  N  N1    . DA  A 1 5  ? 1.066   1.590   5.083   1.00 5.69   ? 5   DA  A N1    1 
ATOM   98  C  C2    . DA  A 1 5  ? 1.251   0.837   6.195   1.00 26.55  ? 5   DA  A C2    1 
ATOM   99  N  N3    . DA  A 1 5  ? 2.378   0.228   6.625   1.00 23.43  ? 5   DA  A N3    1 
ATOM   100 C  C4    . DA  A 1 5  ? 3.477   0.473   5.791   1.00 16.79  ? 5   DA  A C4    1 
ATOM   101 P  P     . DA  A 1 6  ? 5.858   -4.876  8.363   1.00 24.23  ? 6   DA  A P     1 
ATOM   102 O  OP1   . DA  A 1 6  ? 6.095   -5.734  9.552   1.00 34.68  ? 6   DA  A OP1   1 
ATOM   103 O  OP2   . DA  A 1 6  ? 6.302   -5.587  7.103   1.00 24.88  ? 6   DA  A OP2   1 
ATOM   104 O  "O5'" . DA  A 1 6  ? 4.301   -4.586  8.144   1.00 7.44   ? 6   DA  A "O5'" 1 
ATOM   105 C  "C5'" . DA  A 1 6  ? 3.397   -4.132  9.191   1.00 0.15   ? 6   DA  A "C5'" 1 
ATOM   106 C  "C4'" . DA  A 1 6  ? 2.002   -4.257  8.563   1.00 6.35   ? 6   DA  A "C4'" 1 
ATOM   107 O  "O4'" . DA  A 1 6  ? 1.745   -3.231  7.575   1.00 3.18   ? 6   DA  A "O4'" 1 
ATOM   108 C  "C3'" . DA  A 1 6  ? 1.644   -5.568  7.853   1.00 10.00  ? 6   DA  A "C3'" 1 
ATOM   109 O  "O3'" . DA  A 1 6  ? 0.302   -5.893  7.933   1.00 27.95  ? 6   DA  A "O3'" 1 
ATOM   110 C  "C2'" . DA  A 1 6  ? 1.965   -5.258  6.427   1.00 17.78  ? 6   DA  A "C2'" 1 
ATOM   111 C  "C1'" . DA  A 1 6  ? 1.338   -3.891  6.322   1.00 5.91   ? 6   DA  A "C1'" 1 
ATOM   112 N  N9    . DA  A 1 6  ? 1.779   -3.181  5.091   1.00 8.48   ? 6   DA  A N9    1 
ATOM   113 C  C8    . DA  A 1 6  ? 3.025   -3.153  4.519   1.00 24.61  ? 6   DA  A C8    1 
ATOM   114 N  N7    . DA  A 1 6  ? 3.088   -2.371  3.431   1.00 24.58  ? 6   DA  A N7    1 
ATOM   115 C  C5    . DA  A 1 6  ? 1.865   -1.863  3.330   1.00 10.00  ? 6   DA  A C5    1 
ATOM   116 C  C6    . DA  A 1 6  ? 1.304   -0.938  2.397   1.00 1.48   ? 6   DA  A C6    1 
ATOM   117 N  N6    . DA  A 1 6  ? 2.031   -0.525  1.316   1.00 16.25  ? 6   DA  A N6    1 
ATOM   118 N  N1    . DA  A 1 6  ? -0.015  -0.573  2.538   1.00 4.65   ? 6   DA  A N1    1 
ATOM   119 C  C2    . DA  A 1 6  ? -0.763  -1.133  3.500   1.00 14.48  ? 6   DA  A C2    1 
ATOM   120 N  N3    . DA  A 1 6  ? -0.349  -2.051  4.411   1.00 23.01  ? 6   DA  A N3    1 
ATOM   121 C  C4    . DA  A 1 6  ? 1.009   -2.365  4.290   1.00 11.11  ? 6   DA  A C4    1 
ATOM   122 P  P     . DT  A 1 7  ? -0.261  -7.170  7.186   1.00 22.59  ? 7   DT  A P     1 
ATOM   123 O  OP1   . DT  A 1 7  ? -0.868  -7.810  8.404   1.00 19.90  ? 7   DT  A OP1   1 
ATOM   124 O  OP2   . DT  A 1 7  ? 0.653   -7.834  6.284   1.00 27.52  ? 7   DT  A OP2   1 
ATOM   125 O  "O5'" . DT  A 1 7  ? -1.440  -6.716  6.228   1.00 17.54  ? 7   DT  A "O5'" 1 
ATOM   126 C  "C5'" . DT  A 1 7  ? -2.548  -5.920  6.752   1.00 13.34  ? 7   DT  A "C5'" 1 
ATOM   127 C  "C4'" . DT  A 1 7  ? -3.210  -5.367  5.527   1.00 20.07  ? 7   DT  A "C4'" 1 
ATOM   128 O  "O4'" . DT  A 1 7  ? -2.228  -4.680  4.690   1.00 29.59  ? 7   DT  A "O4'" 1 
ATOM   129 C  "C3'" . DT  A 1 7  ? -3.859  -6.421  4.705   1.00 10.00  ? 7   DT  A "C3'" 1 
ATOM   130 O  "O3'" . DT  A 1 7  ? -5.247  -6.364  4.760   1.00 11.25  ? 7   DT  A "O3'" 1 
ATOM   131 C  "C2'" . DT  A 1 7  ? -3.208  -6.331  3.323   1.00 16.88  ? 7   DT  A "C2'" 1 
ATOM   132 C  "C1'" . DT  A 1 7  ? -2.592  -4.922  3.339   1.00 18.02  ? 7   DT  A "C1'" 1 
ATOM   133 N  N1    . DT  A 1 7  ? -1.428  -4.641  2.445   1.00 7.04   ? 7   DT  A N1    1 
ATOM   134 C  C2    . DT  A 1 7  ? -1.537  -3.648  1.462   1.00 18.37  ? 7   DT  A C2    1 
ATOM   135 O  O2    . DT  A 1 7  ? -2.545  -2.942  1.323   1.00 16.62  ? 7   DT  A O2    1 
ATOM   136 N  N3    . DT  A 1 7  ? -0.427  -3.401  0.692   1.00 10.42  ? 7   DT  A N3    1 
ATOM   137 C  C4    . DT  A 1 7  ? 0.766   -4.086  0.850   1.00 10.00  ? 7   DT  A C4    1 
ATOM   138 O  O4    . DT  A 1 7  ? 1.740   -3.688  0.181   1.00 28.53  ? 7   DT  A O4    1 
ATOM   139 C  C5    . DT  A 1 7  ? 0.847   -5.088  1.831   1.00 10.00  ? 7   DT  A C5    1 
ATOM   140 C  C7    . DT  A 1 7  ? 2.109   -5.833  2.098   1.00 28.46  ? 7   DT  A C7    1 
ATOM   141 C  C6    . DT  A 1 7  ? -0.253  -5.347  2.627   1.00 10.00  ? 7   DT  A C6    1 
ATOM   142 P  P     . DT  A 1 8  ? -6.151  -7.413  3.937   1.00 21.16  ? 8   DT  A P     1 
ATOM   143 O  OP1   . DT  A 1 8  ? -7.469  -7.702  4.620   1.00 12.49  ? 8   DT  A OP1   1 
ATOM   144 O  OP2   . DT  A 1 8  ? -5.333  -8.562  3.523   1.00 28.74  ? 8   DT  A OP2   1 
ATOM   145 O  "O5'" . DT  A 1 8  ? -6.488  -6.645  2.614   1.00 16.48  ? 8   DT  A "O5'" 1 
ATOM   146 C  "C5'" . DT  A 1 8  ? -6.954  -5.255  2.642   1.00 0.72   ? 8   DT  A "C5'" 1 
ATOM   147 C  "C4'" . DT  A 1 8  ? -6.873  -4.817  1.210   1.00 26.61  ? 8   DT  A "C4'" 1 
ATOM   148 O  "O4'" . DT  A 1 8  ? -5.535  -4.989  0.753   1.00 45.02  ? 8   DT  A "O4'" 1 
ATOM   149 C  "C3'" . DT  A 1 8  ? -7.673  -5.626  0.234   1.00 8.47   ? 8   DT  A "C3'" 1 
ATOM   150 O  "O3'" . DT  A 1 8  ? -8.824  -4.996  -0.096  1.00 13.24  ? 8   DT  A "O3'" 1 
ATOM   151 C  "C2'" . DT  A 1 8  ? -6.789  -5.901  -0.962  1.00 2.65   ? 8   DT  A "C2'" 1 
ATOM   152 C  "C1'" . DT  A 1 8  ? -5.606  -5.033  -0.646  1.00 11.83  ? 8   DT  A "C1'" 1 
ATOM   153 N  N1    . DT  A 1 8  ? -4.255  -5.351  -1.175  1.00 10.00  ? 8   DT  A N1    1 
ATOM   154 C  C2    . DT  A 1 8  ? -3.628  -4.368  -1.936  1.00 16.72  ? 8   DT  A C2    1 
ATOM   155 O  O2    . DT  A 1 8  ? -4.182  -3.308  -2.287  1.00 12.24  ? 8   DT  A O2    1 
ATOM   156 N  N3    . DT  A 1 8  ? -2.309  -4.542  -2.237  1.00 22.58  ? 8   DT  A N3    1 
ATOM   157 C  C4    . DT  A 1 8  ? -1.576  -5.599  -1.780  1.00 4.92   ? 8   DT  A C4    1 
ATOM   158 O  O4    . DT  A 1 8  ? -0.391  -5.565  -2.096  1.00 23.19  ? 8   DT  A O4    1 
ATOM   159 C  C5    . DT  A 1 8  ? -2.204  -6.586  -0.960  1.00 4.00   ? 8   DT  A C5    1 
ATOM   160 C  C7    . DT  A 1 8  ? -1.428  -7.760  -0.322  1.00 11.52  ? 8   DT  A C7    1 
ATOM   161 C  C6    . DT  A 1 8  ? -3.581  -6.438  -0.699  1.00 10.00  ? 8   DT  A C6    1 
ATOM   162 P  P     . DC  A 1 9  ? -9.641  -5.450  -1.368  1.00 26.06  ? 9   DC  A P     1 
ATOM   163 O  OP1   . DC  A 1 9  ? -10.894 -4.651  -1.104  1.00 43.49  ? 9   DC  A OP1   1 
ATOM   164 O  OP2   . DC  A 1 9  ? -9.662  -6.897  -1.630  1.00 35.20  ? 9   DC  A OP2   1 
ATOM   165 O  "O5'" . DC  A 1 9  ? -8.981  -4.823  -2.627  1.00 28.11  ? 9   DC  A "O5'" 1 
ATOM   166 C  "C5'" . DC  A 1 9  ? -8.956  -3.316  -2.720  1.00 14.54  ? 9   DC  A "C5'" 1 
ATOM   167 C  "C4'" . DC  A 1 9  ? -8.160  -3.101  -3.924  1.00 28.52  ? 9   DC  A "C4'" 1 
ATOM   168 O  "O4'" . DC  A 1 9  ? -6.905  -3.813  -3.822  1.00 24.99  ? 9   DC  A "O4'" 1 
ATOM   169 C  "C3'" . DC  A 1 9  ? -8.862  -3.706  -5.115  1.00 26.61  ? 9   DC  A "C3'" 1 
ATOM   170 O  "O3'" . DC  A 1 9  ? -9.418  -2.616  -5.868  1.00 59.31  ? 9   DC  A "O3'" 1 
ATOM   171 C  "C2'" . DC  A 1 9  ? -7.786  -4.614  -5.824  1.00 9.93   ? 9   DC  A "C2'" 1 
ATOM   172 C  "C1'" . DC  A 1 9  ? -6.498  -4.114  -5.200  1.00 10.00  ? 9   DC  A "C1'" 1 
ATOM   173 N  N1    . DC  A 1 9  ? -5.405  -5.127  -5.093  1.00 31.05  ? 9   DC  A N1    1 
ATOM   174 C  C2    . DC  A 1 9  ? -4.207  -5.017  -5.783  1.00 13.99  ? 9   DC  A C2    1 
ATOM   175 O  O2    . DC  A 1 9  ? -4.020  -4.095  -6.569  1.00 13.78  ? 9   DC  A O2    1 
ATOM   176 N  N3    . DC  A 1 9  ? -3.227  -5.914  -5.526  1.00 18.71  ? 9   DC  A N3    1 
ATOM   177 C  C4    . DC  A 1 9  ? -3.377  -6.898  -4.616  1.00 9.75   ? 9   DC  A C4    1 
ATOM   178 N  N4    . DC  A 1 9  ? -2.341  -7.719  -4.316  1.00 18.24  ? 9   DC  A N4    1 
ATOM   179 C  C5    . DC  A 1 9  ? -4.574  -7.068  -3.920  1.00 28.50  ? 9   DC  A C5    1 
ATOM   180 C  C6    . DC  A 1 9  ? -5.591  -6.148  -4.167  1.00 39.69  ? 9   DC  A C6    1 
ATOM   181 P  P     . DG  A 1 10 ? -10.480 -2.835  -6.992  1.00 45.43  ? 10  DG  A P     1 
ATOM   182 O  OP1   . DG  A 1 10 ? -11.168 -1.548  -7.200  1.00 33.82  ? 10  DG  A OP1   1 
ATOM   183 O  OP2   . DG  A 1 10 ? -11.306 -4.045  -6.708  1.00 47.14  ? 10  DG  A OP2   1 
ATOM   184 O  "O5'" . DG  A 1 10 ? -9.542  -3.245  -8.208  1.00 30.97  ? 10  DG  A "O5'" 1 
ATOM   185 C  "C5'" . DG  A 1 10 ? -8.638  -2.298  -8.784  1.00 12.51  ? 10  DG  A "C5'" 1 
ATOM   186 C  "C4'" . DG  A 1 10 ? -7.983  -3.025  -9.891  1.00 17.70  ? 10  DG  A "C4'" 1 
ATOM   187 O  "O4'" . DG  A 1 10 ? -7.201  -3.994  -9.205  1.00 22.48  ? 10  DG  A "O4'" 1 
ATOM   188 C  "C3'" . DG  A 1 10 ? -8.853  -3.795  -10.918 1.00 10.00  ? 10  DG  A "C3'" 1 
ATOM   189 O  "O3'" . DG  A 1 10 ? -8.229  -3.774  -12.210 1.00 31.78  ? 10  DG  A "O3'" 1 
ATOM   190 C  "C2'" . DG  A 1 10 ? -8.893  -5.215  -10.314 1.00 1.53   ? 10  DG  A "C2'" 1 
ATOM   191 C  "C1'" . DG  A 1 10 ? -7.452  -5.281  -9.883  1.00 29.61  ? 10  DG  A "C1'" 1 
ATOM   192 N  N9    . DG  A 1 10 ? -6.905  -6.437  -9.107  1.00 30.09  ? 10  DG  A N9    1 
ATOM   193 C  C8    . DG  A 1 10 ? -7.460  -7.256  -8.157  1.00 17.54  ? 10  DG  A C8    1 
ATOM   194 N  N7    . DG  A 1 10 ? -6.565  -8.053  -7.528  1.00 14.88  ? 10  DG  A N7    1 
ATOM   195 C  C5    . DG  A 1 10 ? -5.372  -7.722  -8.097  1.00 36.10  ? 10  DG  A C5    1 
ATOM   196 C  C6    . DG  A 1 10 ? -4.036  -8.252  -7.862  1.00 35.31  ? 10  DG  A C6    1 
ATOM   197 O  O6    . DG  A 1 10 ? -3.717  -9.197  -7.138  1.00 48.56  ? 10  DG  A O6    1 
ATOM   198 N  N1    . DG  A 1 10 ? -3.050  -7.662  -8.651  1.00 24.53  ? 10  DG  A N1    1 
ATOM   199 C  C2    . DG  A 1 10 ? -3.253  -6.695  -9.616  1.00 21.56  ? 10  DG  A C2    1 
ATOM   200 N  N2    . DG  A 1 10 ? -2.172  -6.314  -10.348 1.00 25.92  ? 10  DG  A N2    1 
ATOM   201 N  N3    . DG  A 1 10 ? -4.490  -6.194  -9.874  1.00 25.61  ? 10  DG  A N3    1 
ATOM   202 C  C4    . DG  A 1 10 ? -5.533  -6.739  -9.076  1.00 39.93  ? 10  DG  A C4    1 
ATOM   203 P  P     . DC  A 1 11 ? -8.769  -2.889  -13.414 1.00 54.21  ? 11  DC  A P     1 
ATOM   204 O  OP1   . DC  A 1 11 ? -9.363  -1.562  -12.968 1.00 43.62  ? 11  DC  A OP1   1 
ATOM   205 O  OP2   . DC  A 1 11 ? -9.657  -3.808  -14.201 1.00 24.17  ? 11  DC  A OP2   1 
ATOM   206 O  "O5'" . DC  A 1 11 ? -7.425  -2.508  -14.206 1.00 48.73  ? 11  DC  A "O5'" 1 
ATOM   207 C  "C5'" . DC  A 1 11 ? -6.395  -1.668  -13.571 1.00 29.87  ? 11  DC  A "C5'" 1 
ATOM   208 C  "C4'" . DC  A 1 11 ? -5.000  -1.936  -14.137 1.00 19.05  ? 11  DC  A "C4'" 1 
ATOM   209 O  "O4'" . DC  A 1 11 ? -4.360  -3.101  -13.608 1.00 27.51  ? 11  DC  A "O4'" 1 
ATOM   210 C  "C3'" . DC  A 1 11 ? -4.886  -2.109  -15.611 1.00 19.00  ? 11  DC  A "C3'" 1 
ATOM   211 O  "O3'" . DC  A 1 11 ? -3.650  -1.579  -16.118 1.00 20.28  ? 11  DC  A "O3'" 1 
ATOM   212 C  "C2'" . DC  A 1 11 ? -5.059  -3.642  -15.750 1.00 9.15   ? 11  DC  A "C2'" 1 
ATOM   213 C  "C1'" . DC  A 1 11 ? -4.182  -4.097  -14.629 1.00 12.54  ? 11  DC  A "C1'" 1 
ATOM   214 N  N1    . DC  A 1 11 ? -4.385  -5.488  -14.083 1.00 16.11  ? 11  DC  A N1    1 
ATOM   215 C  C2    . DC  A 1 11 ? -3.286  -6.310  -13.796 1.00 37.97  ? 11  DC  A C2    1 
ATOM   216 O  O2    . DC  A 1 11 ? -2.132  -5.905  -14.011 1.00 41.19  ? 11  DC  A O2    1 
ATOM   217 N  N3    . DC  A 1 11 ? -3.499  -7.535  -13.236 1.00 28.43  ? 11  DC  A N3    1 
ATOM   218 C  C4    . DC  A 1 11 ? -4.740  -7.956  -12.922 1.00 4.54   ? 11  DC  A C4    1 
ATOM   219 N  N4    . DC  A 1 11 ? -4.894  -9.148  -12.279 1.00 14.47  ? 11  DC  A N4    1 
ATOM   220 C  C5    . DC  A 1 11 ? -5.876  -7.154  -13.168 1.00 23.56  ? 11  DC  A C5    1 
ATOM   221 C  C6    . DC  A 1 11 ? -5.675  -5.892  -13.756 1.00 25.86  ? 11  DC  A C6    1 
ATOM   222 P  P     . DG  A 1 12 ? -3.204  -1.940  -17.589 1.00 45.45  ? 12  DG  A P     1 
ATOM   223 O  OP1   . DG  A 1 12 ? -2.152  -0.907  -17.937 1.00 40.23  ? 12  DG  A OP1   1 
ATOM   224 O  OP2   . DG  A 1 12 ? -4.367  -2.080  -18.519 1.00 22.18  ? 12  DG  A OP2   1 
ATOM   225 O  "O5'" . DG  A 1 12 ? -2.633  -3.452  -17.500 1.00 35.08  ? 12  DG  A "O5'" 1 
ATOM   226 C  "C5'" . DG  A 1 12 ? -1.177  -3.745  -17.462 1.00 26.00  ? 12  DG  A "C5'" 1 
ATOM   227 C  "C4'" . DG  A 1 12 ? -0.898  -5.149  -18.025 1.00 19.86  ? 12  DG  A "C4'" 1 
ATOM   228 O  "O4'" . DG  A 1 12 ? -1.613  -6.087  -17.262 1.00 8.09   ? 12  DG  A "O4'" 1 
ATOM   229 C  "C3'" . DG  A 1 12 ? -1.125  -5.535  -19.511 1.00 16.91  ? 12  DG  A "C3'" 1 
ATOM   230 O  "O3'" . DG  A 1 12 ? -0.014  -6.266  -20.059 1.00 53.55  ? 12  DG  A "O3'" 1 
ATOM   231 C  "C2'" . DG  A 1 12 ? -2.381  -6.370  -19.499 1.00 10.00  ? 12  DG  A "C2'" 1 
ATOM   232 C  "C1'" . DG  A 1 12 ? -2.280  -6.979  -18.100 1.00 9.85   ? 12  DG  A "C1'" 1 
ATOM   233 N  N9    . DG  A 1 12 ? -3.511  -7.398  -17.316 1.00 8.29   ? 12  DG  A N9    1 
ATOM   234 C  C8    . DG  A 1 12 ? -4.766  -6.867  -17.176 1.00 7.23   ? 12  DG  A C8    1 
ATOM   235 N  N7    . DG  A 1 12 ? -5.588  -7.648  -16.454 1.00 28.30  ? 12  DG  A N7    1 
ATOM   236 C  C5    . DG  A 1 12 ? -4.836  -8.728  -16.117 1.00 37.41  ? 12  DG  A C5    1 
ATOM   237 C  C6    . DG  A 1 12 ? -5.176  -9.939  -15.394 1.00 23.98  ? 12  DG  A C6    1 
ATOM   238 O  O6    . DG  A 1 12 ? -6.250  -10.298 -14.943 1.00 43.51  ? 12  DG  A O6    1 
ATOM   239 N  N1    . DG  A 1 12 ? -4.105  -10.768 -15.191 1.00 4.45   ? 12  DG  A N1    1 
ATOM   240 C  C2    . DG  A 1 12 ? -2.799  -10.554 -15.594 1.00 14.34  ? 12  DG  A C2    1 
ATOM   241 N  N2    . DG  A 1 12 ? -1.861  -11.529 -15.387 1.00 38.14  ? 12  DG  A N2    1 
ATOM   242 N  N3    . DG  A 1 12 ? -2.468  -9.459  -16.274 1.00 17.04  ? 12  DG  A N3    1 
ATOM   243 C  C4    . DG  A 1 12 ? -3.543  -8.566  -16.537 1.00 17.66  ? 12  DG  A C4    1 
ATOM   244 O  "O5'" . DC  B 1 1  ? -2.334  -19.813 -10.481 1.00 31.02  ? 13  DC  B "O5'" 1 
ATOM   245 C  "C5'" . DC  B 1 1  ? -2.922  -18.895 -11.482 1.00 31.20  ? 13  DC  B "C5'" 1 
ATOM   246 C  "C4'" . DC  B 1 1  ? -2.126  -17.609 -11.509 1.00 2.20   ? 13  DC  B "C4'" 1 
ATOM   247 O  "O4'" . DC  B 1 1  ? -2.425  -16.586 -12.468 1.00 1.85   ? 13  DC  B "O4'" 1 
ATOM   248 C  "C3'" . DC  B 1 1  ? -1.833  -16.913 -10.225 1.00 10.00  ? 13  DC  B "C3'" 1 
ATOM   249 O  "O3'" . DC  B 1 1  ? -0.458  -16.469 -10.206 1.00 30.20  ? 13  DC  B "O3'" 1 
ATOM   250 C  "C2'" . DC  B 1 1  ? -2.825  -15.749 -10.349 1.00 9.93   ? 13  DC  B "C2'" 1 
ATOM   251 C  "C1'" . DC  B 1 1  ? -2.917  -15.415 -11.814 1.00 10.00  ? 13  DC  B "C1'" 1 
ATOM   252 N  N1    . DC  B 1 1  ? -4.276  -14.812 -12.287 1.00 45.32  ? 13  DC  B N1    1 
ATOM   253 C  C2    . DC  B 1 1  ? -4.282  -13.620 -13.007 1.00 33.93  ? 13  DC  B C2    1 
ATOM   254 O  O2    . DC  B 1 1  ? -3.198  -13.174 -13.383 1.00 48.06  ? 13  DC  B O2    1 
ATOM   255 N  N3    . DC  B 1 1  ? -5.470  -12.983 -13.278 1.00 22.60  ? 13  DC  B N3    1 
ATOM   256 C  C4    . DC  B 1 1  ? -6.656  -13.526 -12.913 1.00 32.20  ? 13  DC  B C4    1 
ATOM   257 N  N4    . DC  B 1 1  ? -7.832  -12.944 -13.320 1.00 36.30  ? 13  DC  B N4    1 
ATOM   258 C  C5    . DC  B 1 1  ? -6.708  -14.751 -12.216 1.00 19.68  ? 13  DC  B C5    1 
ATOM   259 C  C6    . DC  B 1 1  ? -5.490  -15.375 -11.883 1.00 46.40  ? 13  DC  B C6    1 
ATOM   260 P  P     . DG  B 1 2  ? 0.604   -16.889 -9.089  1.00 38.98  ? 14  DG  B P     1 
ATOM   261 O  OP1   . DG  B 1 2  ? 1.021   -18.318 -9.239  1.00 34.93  ? 14  DG  B OP1   1 
ATOM   262 O  OP2   . DG  B 1 2  ? 0.126   -16.496 -7.752  1.00 45.81  ? 14  DG  B OP2   1 
ATOM   263 O  "O5'" . DG  B 1 2  ? 1.853   -15.987 -9.472  1.00 20.45  ? 14  DG  B "O5'" 1 
ATOM   264 C  "C5'" . DG  B 1 2  ? 2.515   -16.061 -10.810 1.00 25.42  ? 14  DG  B "C5'" 1 
ATOM   265 C  "C4'" . DG  B 1 2  ? 3.152   -14.709 -11.121 1.00 19.44  ? 14  DG  B "C4'" 1 
ATOM   266 O  "O4'" . DG  B 1 2  ? 2.091   -13.898 -11.586 1.00 11.75  ? 14  DG  B "O4'" 1 
ATOM   267 C  "C3'" . DG  B 1 2  ? 3.680   -13.984 -9.915  1.00 10.00  ? 14  DG  B "C3'" 1 
ATOM   268 O  "O3'" . DG  B 1 2  ? 5.010   -13.600 -9.956  1.00 16.11  ? 14  DG  B "O3'" 1 
ATOM   269 C  "C2'" . DG  B 1 2  ? 2.734   -12.887 -9.573  1.00 10.00  ? 14  DG  B "C2'" 1 
ATOM   270 C  "C1'" . DG  B 1 2  ? 2.003   -12.691 -10.841 1.00 6.74   ? 14  DG  B "C1'" 1 
ATOM   271 N  N9    . DG  B 1 2  ? 0.587   -12.417 -10.508 1.00 4.84   ? 14  DG  B N9    1 
ATOM   272 C  C8    . DG  B 1 2  ? -0.208  -13.023 -9.554  1.00 13.46  ? 14  DG  B C8    1 
ATOM   273 N  N7    . DG  B 1 2  ? -1.380  -12.403 -9.360  1.00 15.02  ? 14  DG  B N7    1 
ATOM   274 C  C5    . DG  B 1 2  ? -1.361  -11.382 -10.242 1.00 5.86   ? 14  DG  B C5    1 
ATOM   275 C  C6    . DG  B 1 2  ? -2.339  -10.345 -10.453 1.00 13.47  ? 14  DG  B C6    1 
ATOM   276 O  O6    . DG  B 1 2  ? -3.417  -10.269 -9.871  1.00 36.98  ? 14  DG  B O6    1 
ATOM   277 N  N1    . DG  B 1 2  ? -1.961  -9.373  -11.413 1.00 3.69   ? 14  DG  B N1    1 
ATOM   278 C  C2    . DG  B 1 2  ? -0.790  -9.400  -12.146 1.00 10.00  ? 14  DG  B C2    1 
ATOM   279 N  N2    . DG  B 1 2  ? -0.581  -8.409  -13.040 1.00 3.82   ? 14  DG  B N2    1 
ATOM   280 N  N3    . DG  B 1 2  ? 0.137   -10.382 -11.983 1.00 4.41   ? 14  DG  B N3    1 
ATOM   281 C  C4    . DG  B 1 2  ? -0.190  -11.371 -11.019 1.00 16.70  ? 14  DG  B C4    1 
ATOM   282 P  P     . DC  B 1 3  ? 5.578   -12.667 -8.796  1.00 30.32  ? 15  DC  B P     1 
ATOM   283 O  OP1   . DC  B 1 3  ? 7.063   -12.791 -8.792  1.00 35.88  ? 15  DC  B OP1   1 
ATOM   284 O  OP2   . DC  B 1 3  ? 4.850   -12.963 -7.538  1.00 40.92  ? 15  DC  B OP2   1 
ATOM   285 O  "O5'" . DC  B 1 3  ? 5.272   -11.199 -9.208  1.00 13.85  ? 15  DC  B "O5'" 1 
ATOM   286 C  "C5'" . DC  B 1 3  ? 5.688   -10.636 -10.449 1.00 17.59  ? 15  DC  B "C5'" 1 
ATOM   287 C  "C4'" . DC  B 1 3  ? 4.914   -9.328  -10.513 1.00 30.68  ? 15  DC  B "C4'" 1 
ATOM   288 O  "O4'" . DC  B 1 3  ? 3.524   -9.578  -10.348 1.00 25.35  ? 15  DC  B "O4'" 1 
ATOM   289 C  "C3'" . DC  B 1 3  ? 5.210   -8.345  -9.412  1.00 25.52  ? 15  DC  B "C3'" 1 
ATOM   290 O  "O3'" . DC  B 1 3  ? 6.449   -7.699  -9.686  1.00 43.71  ? 15  DC  B "O3'" 1 
ATOM   291 C  "C2'" . DC  B 1 3  ? 3.964   -7.426  -9.421  1.00 14.54  ? 15  DC  B "C2'" 1 
ATOM   292 C  "C1'" . DC  B 1 3  ? 2.900   -8.427  -9.845  1.00 19.05  ? 15  DC  B "C1'" 1 
ATOM   293 N  N1    . DC  B 1 3  ? 1.907   -8.919  -8.859  1.00 10.00  ? 15  DC  B N1    1 
ATOM   294 C  C2    . DC  B 1 3  ? 0.575   -8.528  -8.957  1.00 3.67   ? 15  DC  B C2    1 
ATOM   295 O  O2    . DC  B 1 3  ? 0.195   -7.807  -9.871  1.00 9.86   ? 15  DC  B O2    1 
ATOM   296 N  N3    . DC  B 1 3  ? -0.320  -9.011  -8.083  1.00 21.59  ? 15  DC  B N3    1 
ATOM   297 C  C4    . DC  B 1 3  ? 0.012   -9.920  -7.157  1.00 11.26  ? 15  DC  B C4    1 
ATOM   298 N  N4    . DC  B 1 3  ? -0.887  -10.216 -6.166  1.00 33.78  ? 15  DC  B N4    1 
ATOM   299 C  C5    . DC  B 1 3  ? 1.316   -10.458 -7.105  1.00 13.94  ? 15  DC  B C5    1 
ATOM   300 C  C6    . DC  B 1 3  ? 2.279   -9.927  -7.988  1.00 10.00  ? 15  DC  B C6    1 
ATOM   301 P  P     . DG  B 1 4  ? 7.016   -6.578  -8.765  1.00 21.86  ? 16  DG  B P     1 
ATOM   302 O  OP1   . DG  B 1 4  ? 8.414   -6.300  -9.221  1.00 12.13  ? 16  DG  B OP1   1 
ATOM   303 O  OP2   . DG  B 1 4  ? 6.875   -7.019  -7.329  1.00 23.60  ? 16  DG  B OP2   1 
ATOM   304 O  "O5'" . DG  B 1 4  ? 6.045   -5.347  -9.076  1.00 13.05  ? 16  DG  B "O5'" 1 
ATOM   305 C  "C5'" . DG  B 1 4  ? 5.995   -4.767  -10.411 1.00 12.75  ? 16  DG  B "C5'" 1 
ATOM   306 C  "C4'" . DG  B 1 4  ? 4.921   -3.691  -10.420 1.00 28.31  ? 16  DG  B "C4'" 1 
ATOM   307 O  "O4'" . DG  B 1 4  ? 3.732   -4.239  -9.804  1.00 17.93  ? 16  DG  B "O4'" 1 
ATOM   308 C  "C3'" . DG  B 1 4  ? 5.150   -2.350  -9.728  1.00 26.45  ? 16  DG  B "C3'" 1 
ATOM   309 O  "O3'" . DG  B 1 4  ? 4.353   -1.307  -10.311 1.00 17.28  ? 16  DG  B "O3'" 1 
ATOM   310 C  "C2'" . DG  B 1 4  ? 4.706   -2.650  -8.280  1.00 20.52  ? 16  DG  B "C2'" 1 
ATOM   311 C  "C1'" . DG  B 1 4  ? 3.430   -3.449  -8.618  1.00 24.11  ? 16  DG  B "C1'" 1 
ATOM   312 N  N9    . DG  B 1 4  ? 2.982   -4.355  -7.565  1.00 1.42   ? 16  DG  B N9    1 
ATOM   313 C  C8    . DG  B 1 4  ? 3.709   -5.034  -6.610  1.00 2.08   ? 16  DG  B C8    1 
ATOM   314 N  N7    . DG  B 1 4  ? 2.954   -5.777  -5.828  1.00 10.00  ? 16  DG  B N7    1 
ATOM   315 C  C5    . DG  B 1 4  ? 1.677   -5.581  -6.310  1.00 28.88  ? 16  DG  B C5    1 
ATOM   316 C  C6    . DG  B 1 4  ? 0.383   -6.227  -5.989  1.00 1.36   ? 16  DG  B C6    1 
ATOM   317 O  O6    . DG  B 1 4  ? 0.185   -7.195  -5.260  1.00 19.34  ? 16  DG  B O6    1 
ATOM   318 N  N1    . DG  B 1 4  ? -0.711  -5.595  -6.556  1.00 10.00  ? 16  DG  B N1    1 
ATOM   319 C  C2    . DG  B 1 4  ? -0.632  -4.509  -7.414  1.00 10.43  ? 16  DG  B C2    1 
ATOM   320 N  N2    . DG  B 1 4  ? -1.801  -3.948  -7.883  1.00 14.58  ? 16  DG  B N2    1 
ATOM   321 N  N3    . DG  B 1 4  ? 0.575   -4.033  -7.839  1.00 11.57  ? 16  DG  B N3    1 
ATOM   322 C  C4    . DG  B 1 4  ? 1.685   -4.604  -7.278  1.00 10.00  ? 16  DG  B C4    1 
ATOM   323 P  P     . DA  B 1 5  ? 4.137   0.058   -9.536  1.00 28.11  ? 17  DA  B P     1 
ATOM   324 O  OP1   . DA  B 1 5  ? 4.429   1.201   -10.521 1.00 28.46  ? 17  DA  B OP1   1 
ATOM   325 O  OP2   . DA  B 1 5  ? 5.132   0.182   -8.367  1.00 18.97  ? 17  DA  B OP2   1 
ATOM   326 O  "O5'" . DA  B 1 5  ? 2.601   0.098   -9.189  1.00 28.89  ? 17  DA  B "O5'" 1 
ATOM   327 C  "C5'" . DA  B 1 5  ? 1.651   0.264   -10.293 1.00 34.92  ? 17  DA  B "C5'" 1 
ATOM   328 C  "C4'" . DA  B 1 5  ? 0.281   0.771   -9.846  1.00 30.24  ? 17  DA  B "C4'" 1 
ATOM   329 O  "O4'" . DA  B 1 5  ? -0.505  -0.060  -8.906  1.00 8.06   ? 17  DA  B "O4'" 1 
ATOM   330 C  "C3'" . DA  B 1 5  ? 0.289   2.147   -9.238  1.00 43.41  ? 17  DA  B "C3'" 1 
ATOM   331 O  "O3'" . DA  B 1 5  ? -0.880  2.894   -9.625  1.00 52.14  ? 17  DA  B "O3'" 1 
ATOM   332 C  "C2'" . DA  B 1 5  ? 0.347   1.854   -7.745  1.00 45.80  ? 17  DA  B "C2'" 1 
ATOM   333 C  "C1'" . DA  B 1 5  ? -0.333  0.501   -7.594  1.00 17.57  ? 17  DA  B "C1'" 1 
ATOM   334 N  N9    . DA  B 1 5  ? 0.464   -0.427  -6.702  1.00 27.64  ? 17  DA  B N9    1 
ATOM   335 C  C8    . DA  B 1 5  ? 1.827   -0.501  -6.443  1.00 11.70  ? 17  DA  B C8    1 
ATOM   336 N  N7    . DA  B 1 5  ? 2.140   -1.434  -5.531  1.00 27.21  ? 17  DA  B N7    1 
ATOM   337 C  C5    . DA  B 1 5  ? 0.946   -1.963  -5.178  1.00 20.14  ? 17  DA  B C5    1 
ATOM   338 C  C6    . DA  B 1 5  ? 0.539   -2.946  -4.194  1.00 26.73  ? 17  DA  B C6    1 
ATOM   339 N  N6    . DA  B 1 5  ? 1.413   -3.467  -3.310  1.00 36.63  ? 17  DA  B N6    1 
ATOM   340 N  N1    . DA  B 1 5  ? -0.761  -3.364  -4.172  1.00 20.10  ? 17  DA  B N1    1 
ATOM   341 C  C2    . DA  B 1 5  ? -1.647  -2.781  -4.999  1.00 28.67  ? 17  DA  B C2    1 
ATOM   342 N  N3    . DA  B 1 5  ? -1.420  -1.786  -5.890  1.00 15.93  ? 17  DA  B N3    1 
ATOM   343 C  C4    . DA  B 1 5  ? -0.086  -1.420  -5.927  1.00 4.36   ? 17  DA  B C4    1 
ATOM   344 P  P     . DA  B 1 6  ? -1.356  4.172   -8.796  1.00 33.39  ? 18  DA  B P     1 
ATOM   345 O  OP1   . DA  B 1 6  ? -2.204  4.867   -9.794  1.00 31.32  ? 18  DA  B OP1   1 
ATOM   346 O  OP2   . DA  B 1 6  ? -0.167  4.873   -8.162  1.00 30.32  ? 18  DA  B OP2   1 
ATOM   347 O  "O5'" . DA  B 1 6  ? -2.203  3.589   -7.641  1.00 30.57  ? 18  DA  B "O5'" 1 
ATOM   348 C  "C5'" . DA  B 1 6  ? -3.278  2.660   -7.871  1.00 26.86  ? 18  DA  B "C5'" 1 
ATOM   349 C  "C4'" . DA  B 1 6  ? -3.790  2.362   -6.487  1.00 49.47  ? 18  DA  B "C4'" 1 
ATOM   350 O  "O4'" . DA  B 1 6  ? -2.815  1.592   -5.782  1.00 37.68  ? 18  DA  B "O4'" 1 
ATOM   351 C  "C3'" . DA  B 1 6  ? -4.042  3.590   -5.614  1.00 38.76  ? 18  DA  B "C3'" 1 
ATOM   352 O  "O3'" . DA  B 1 6  ? -5.439  3.900   -5.494  1.00 28.69  ? 18  DA  B "O3'" 1 
ATOM   353 C  "C2'" . DA  B 1 6  ? -3.233  3.350   -4.322  1.00 15.25  ? 18  DA  B "C2'" 1 
ATOM   354 C  "C1'" . DA  B 1 6  ? -2.910  1.856   -4.396  1.00 10.49  ? 18  DA  B "C1'" 1 
ATOM   355 N  N9    . DA  B 1 6  ? -1.584  1.460   -3.866  1.00 5.34   ? 18  DA  B N9    1 
ATOM   356 C  C8    . DA  B 1 6  ? -0.327  1.946   -4.139  1.00 2.65   ? 18  DA  B C8    1 
ATOM   357 N  N7    . DA  B 1 6  ? 0.646   1.319   -3.466  1.00 3.33   ? 18  DA  B N7    1 
ATOM   358 C  C5    . DA  B 1 6  ? -0.001  0.373   -2.776  1.00 10.00  ? 18  DA  B C5    1 
ATOM   359 C  C6    . DA  B 1 6  ? 0.435   -0.599  -1.790  1.00 2.23   ? 18  DA  B C6    1 
ATOM   360 N  N6    . DA  B 1 6  ? 1.722   -0.719  -1.389  1.00 3.70   ? 18  DA  B N6    1 
ATOM   361 N  N1    . DA  B 1 6  ? -0.518  -1.294  -1.113  1.00 33.15  ? 18  DA  B N1    1 
ATOM   362 C  C2    . DA  B 1 6  ? -1.820  -1.158  -1.436  1.00 27.53  ? 18  DA  B C2    1 
ATOM   363 N  N3    . DA  B 1 6  ? -2.346  -0.343  -2.371  1.00 16.15  ? 18  DA  B N3    1 
ATOM   364 C  C4    . DA  B 1 6  ? -1.369  0.438   -2.995  1.00 13.82  ? 18  DA  B C4    1 
ATOM   365 P  P     . DT  B 1 7  ? -5.978  5.058   -4.557  1.00 37.13  ? 19  DT  B P     1 
ATOM   366 O  OP1   . DT  B 1 7  ? -7.416  5.318   -4.867  1.00 32.73  ? 19  DT  B OP1   1 
ATOM   367 O  OP2   . DT  B 1 7  ? -5.097  6.247   -4.673  1.00 41.38  ? 19  DT  B OP2   1 
ATOM   368 O  "O5'" . DT  B 1 7  ? -5.865  4.386   -3.111  1.00 15.22  ? 19  DT  B "O5'" 1 
ATOM   369 C  "C5'" . DT  B 1 7  ? -6.673  3.219   -2.796  1.00 17.23  ? 19  DT  B "C5'" 1 
ATOM   370 C  "C4'" . DT  B 1 7  ? -6.199  2.609   -1.494  1.00 41.26  ? 19  DT  B "C4'" 1 
ATOM   371 O  "O4'" . DT  B 1 7  ? -4.781  2.269   -1.571  1.00 34.76  ? 19  DT  B "O4'" 1 
ATOM   372 C  "C3'" . DT  B 1 7  ? -6.414  3.473   -0.251  1.00 10.00  ? 19  DT  B "C3'" 1 
ATOM   373 O  "O3'" . DT  B 1 7  ? -7.655  3.212   0.345   1.00 37.76  ? 19  DT  B "O3'" 1 
ATOM   374 C  "C2'" . DT  B 1 7  ? -5.215  3.120   0.588   1.00 8.28   ? 19  DT  B "C2'" 1 
ATOM   375 C  "C1'" . DT  B 1 7  ? -4.177  3.049   -0.540  1.00 15.51  ? 19  DT  B "C1'" 1 
ATOM   376 N  N1    . DT  B 1 7  ? -2.757  2.651   -0.306  1.00 10.00  ? 19  DT  B N1    1 
ATOM   377 C  C2    . DT  B 1 7  ? -2.372  1.532   0.430   1.00 11.36  ? 19  DT  B C2    1 
ATOM   378 O  O2    . DT  B 1 7  ? -3.199  0.696   0.864   1.00 34.11  ? 19  DT  B O2    1 
ATOM   379 N  N3    . DT  B 1 7  ? -1.014  1.302   0.566   1.00 9.28   ? 19  DT  B N3    1 
ATOM   380 C  C4    . DT  B 1 7  ? -0.041  2.135   0.030   1.00 13.34  ? 19  DT  B C4    1 
ATOM   381 O  O4    . DT  B 1 7  ? 1.139   1.808   0.170   1.00 27.25  ? 19  DT  B O4    1 
ATOM   382 C  C5    . DT  B 1 7  ? -0.448  3.267   -0.709  1.00 11.59  ? 19  DT  B C5    1 
ATOM   383 C  C7    . DT  B 1 7  ? 0.562   4.247   -1.229  1.00 37.72  ? 19  DT  B C7    1 
ATOM   384 C  C6    . DT  B 1 7  ? -1.828  3.506   -0.875  1.00 15.88  ? 19  DT  B C6    1 
ATOM   385 P  P     . DT  B 1 8  ? -8.170  3.941   1.672   1.00 29.91  ? 20  DT  B P     1 
ATOM   386 O  OP1   . DT  B 1 8  ? -9.649  3.671   1.581   1.00 13.95  ? 20  DT  B OP1   1 
ATOM   387 O  OP2   . DT  B 1 8  ? -7.684  5.314   1.814   1.00 25.28  ? 20  DT  B OP2   1 
ATOM   388 O  "O5'" . DT  B 1 8  ? -7.459  3.152   2.823   1.00 22.36  ? 20  DT  B "O5'" 1 
ATOM   389 C  "C5'" . DT  B 1 8  ? -7.703  1.714   2.962   1.00 15.28  ? 20  DT  B "C5'" 1 
ATOM   390 C  "C4'" . DT  B 1 8  ? -6.864  1.265   4.104   1.00 21.38  ? 20  DT  B "C4'" 1 
ATOM   391 O  "O4'" . DT  B 1 8  ? -5.553  1.561   3.714   1.00 19.83  ? 20  DT  B "O4'" 1 
ATOM   392 C  "C3'" . DT  B 1 8  ? -7.053  1.953   5.442   1.00 8.56   ? 20  DT  B "C3'" 1 
ATOM   393 O  "O3'" . DT  B 1 8  ? -7.651  1.061   6.386   1.00 48.66  ? 20  DT  B "O3'" 1 
ATOM   394 C  "C2'" . DT  B 1 8  ? -5.663  2.436   5.835   1.00 4.74   ? 20  DT  B "C2'" 1 
ATOM   395 C  "C1'" . DT  B 1 8  ? -4.758  1.688   4.863   1.00 10.00  ? 20  DT  B "C1'" 1 
ATOM   396 N  N1    . DT  B 1 8  ? -3.541  2.441   4.376   1.00 1.88   ? 20  DT  B N1    1 
ATOM   397 C  C2    . DT  B 1 8  ? -2.252  2.023   4.701   1.00 3.85   ? 20  DT  B C2    1 
ATOM   398 O  O2    . DT  B 1 8  ? -2.040  1.107   5.510   1.00 25.69  ? 20  DT  B O2    1 
ATOM   399 N  N3    . DT  B 1 8  ? -1.201  2.709   4.105   1.00 24.72  ? 20  DT  B N3    1 
ATOM   400 C  C4    . DT  B 1 8  ? -1.390  3.787   3.238   1.00 12.90  ? 20  DT  B C4    1 
ATOM   401 O  O4    . DT  B 1 8  ? -0.401  4.321   2.751   1.00 20.22  ? 20  DT  B O4    1 
ATOM   402 C  C5    . DT  B 1 8  ? -2.687  4.236   2.972   1.00 18.53  ? 20  DT  B C5    1 
ATOM   403 C  C7    . DT  B 1 8  ? -2.969  5.448   2.090   1.00 26.86  ? 20  DT  B C7    1 
ATOM   404 C  C6    . DT  B 1 8  ? -3.751  3.537   3.550   1.00 25.25  ? 20  DT  B C6    1 
ATOM   405 P  P     . DC  B 1 9  ? -7.880  1.479   7.907   1.00 51.82  ? 21  DC  B P     1 
ATOM   406 O  OP1   . DC  B 1 9  ? -8.862  0.562   8.537   1.00 56.65  ? 21  DC  B OP1   1 
ATOM   407 O  OP2   . DC  B 1 9  ? -8.260  2.925   7.945   1.00 47.36  ? 21  DC  B OP2   1 
ATOM   408 O  "O5'" . DC  B 1 9  ? -6.494  1.216   8.572   1.00 39.21  ? 21  DC  B "O5'" 1 
ATOM   409 C  "C5'" . DC  B 1 9  ? -5.969  -0.129  8.773   1.00 19.92  ? 21  DC  B "C5'" 1 
ATOM   410 C  "C4'" . DC  B 1 9  ? -4.646  0.118   9.438   1.00 32.80  ? 21  DC  B "C4'" 1 
ATOM   411 O  "O4'" . DC  B 1 9  ? -3.856  0.959   8.520   1.00 16.67  ? 21  DC  B "O4'" 1 
ATOM   412 C  "C3'" . DC  B 1 9  ? -4.782  0.910   10.774  1.00 10.00  ? 21  DC  B "C3'" 1 
ATOM   413 O  "O3'" . DC  B 1 9  ? -4.398  0.164   11.921  1.00 25.44  ? 21  DC  B "O3'" 1 
ATOM   414 C  "C2'" . DC  B 1 9  ? -3.976  2.191   10.530  1.00 7.07   ? 21  DC  B "C2'" 1 
ATOM   415 C  "C1'" . DC  B 1 9  ? -3.021  1.718   9.401   1.00 5.82   ? 21  DC  B "C1'" 1 
ATOM   416 N  N1    . DC  B 1 9  ? -2.386  2.756   8.620   1.00 0.66   ? 21  DC  B N1    1 
ATOM   417 C  C2    . DC  B 1 9  ? -1.009  2.877   8.428   1.00 9.07   ? 21  DC  B C2    1 
ATOM   418 O  O2    . DC  B 1 9  ? -0.239  2.045   8.925   1.00 30.36  ? 21  DC  B O2    1 
ATOM   419 N  N3    . DC  B 1 9  ? -0.556  3.882   7.619   1.00 10.00  ? 21  DC  B N3    1 
ATOM   420 C  C4    . DC  B 1 9  ? -1.439  4.746   6.998   1.00 11.54  ? 21  DC  B C4    1 
ATOM   421 N  N4    . DC  B 1 9  ? -1.066  5.761   6.123   1.00 17.83  ? 21  DC  B N4    1 
ATOM   422 C  C5    . DC  B 1 9  ? -2.808  4.613   7.176   1.00 14.17  ? 21  DC  B C5    1 
ATOM   423 C  C6    . DC  B 1 9  ? -3.277  3.602   7.999   1.00 18.04  ? 21  DC  B C6    1 
ATOM   424 P  P     . DG  B 1 10 ? -4.675  0.662   13.432  1.00 30.06  ? 22  DG  B P     1 
ATOM   425 O  OP1   . DG  B 1 10 ? -5.029  -0.548  14.248  1.00 28.84  ? 22  DG  B OP1   1 
ATOM   426 O  OP2   . DG  B 1 10 ? -5.577  1.781   13.731  1.00 19.72  ? 22  DG  B OP2   1 
ATOM   427 O  "O5'" . DG  B 1 10 ? -3.247  1.220   13.832  1.00 46.19  ? 22  DG  B "O5'" 1 
ATOM   428 C  "C5'" . DG  B 1 10 ? -2.004  0.425   13.692  1.00 19.16  ? 22  DG  B "C5'" 1 
ATOM   429 C  "C4'" . DG  B 1 10 ? -0.848  1.412   13.939  1.00 17.60  ? 22  DG  B "C4'" 1 
ATOM   430 O  "O4'" . DG  B 1 10 ? -0.641  2.394   12.919  1.00 6.94   ? 22  DG  B "O4'" 1 
ATOM   431 C  "C3'" . DG  B 1 10 ? -0.991  2.253   15.135  1.00 15.62  ? 22  DG  B "C3'" 1 
ATOM   432 O  "O3'" . DG  B 1 10 ? 0.163   2.278   15.943  1.00 34.18  ? 22  DG  B "O3'" 1 
ATOM   433 C  "C2'" . DG  B 1 10 ? -1.389  3.621   14.621  1.00 5.45   ? 22  DG  B "C2'" 1 
ATOM   434 C  "C1'" . DG  B 1 10 ? -0.569  3.691   13.414  1.00 10.00  ? 22  DG  B "C1'" 1 
ATOM   435 N  N9    . DG  B 1 10 ? -1.004  4.624   12.329  1.00 4.74   ? 22  DG  B N9    1 
ATOM   436 C  C8    . DG  B 1 10 ? -2.258  5.009   11.870  1.00 28.56  ? 22  DG  B C8    1 
ATOM   437 N  N7    . DG  B 1 10 ? -2.236  5.839   10.802  1.00 23.20  ? 22  DG  B N7    1 
ATOM   438 C  C5    . DG  B 1 10 ? -0.923  6.000   10.562  1.00 24.35  ? 22  DG  B C5    1 
ATOM   439 C  C6    . DG  B 1 10 ? -0.230  6.744   9.523   1.00 9.82   ? 22  DG  B C6    1 
ATOM   440 O  O6    . DG  B 1 10 ? -0.712  7.426   8.637   1.00 17.37  ? 22  DG  B O6    1 
ATOM   441 N  N1    . DG  B 1 10 ? 1.161   6.603   9.576   1.00 29.19  ? 22  DG  B N1    1 
ATOM   442 C  C2    . DG  B 1 10 ? 1.851   5.865   10.528  1.00 4.98   ? 22  DG  B C2    1 
ATOM   443 N  N2    . DG  B 1 10 ? 3.200   5.796   10.429  1.00 21.77  ? 22  DG  B N2    1 
ATOM   444 N  N3    . DG  B 1 10 ? 1.204   5.235   11.532  1.00 2.57   ? 22  DG  B N3    1 
ATOM   445 C  C4    . DG  B 1 10 ? -0.159  5.291   11.492  1.00 3.26   ? 22  DG  B C4    1 
ATOM   446 P  P     . DC  B 1 11 ? -0.095  2.595   17.433  1.00 42.20  ? 23  DC  B P     1 
ATOM   447 O  OP1   . DC  B 1 11 ? -0.451  1.242   17.925  1.00 32.22  ? 23  DC  B OP1   1 
ATOM   448 O  OP2   . DC  B 1 11 ? -1.071  3.740   17.647  1.00 21.89  ? 23  DC  B OP2   1 
ATOM   449 O  "O5'" . DC  B 1 11 ? 1.304   3.138   18.024  1.00 39.59  ? 23  DC  B "O5'" 1 
ATOM   450 C  "C5'" . DC  B 1 11 ? 2.536   2.463   17.709  1.00 11.73  ? 23  DC  B "C5'" 1 
ATOM   451 C  "C4'" . DC  B 1 11 ? 3.337   3.336   16.794  1.00 32.59  ? 23  DC  B "C4'" 1 
ATOM   452 O  "O4'" . DC  B 1 11 ? 2.442   3.931   15.843  1.00 21.89  ? 23  DC  B "O4'" 1 
ATOM   453 C  "C3'" . DC  B 1 11 ? 4.155   4.496   17.409  1.00 16.87  ? 23  DC  B "C3'" 1 
ATOM   454 O  "O3'" . DC  B 1 11 ? 5.506   4.143   17.838  1.00 22.61  ? 23  DC  B "O3'" 1 
ATOM   455 C  "C2'" . DC  B 1 11 ? 4.179   5.567   16.318  1.00 18.51  ? 23  DC  B "C2'" 1 
ATOM   456 C  "C1'" . DC  B 1 11 ? 3.082   5.140   15.352  1.00 25.28  ? 23  DC  B "C1'" 1 
ATOM   457 N  N1    . DC  B 1 11 ? 2.086   6.211   15.019  1.00 9.41   ? 23  DC  B N1    1 
ATOM   458 C  C2    . DC  B 1 11 ? 2.255   7.007   13.897  1.00 25.00  ? 23  DC  B C2    1 
ATOM   459 O  O2    . DC  B 1 11 ? 3.288   6.962   13.190  1.00 49.33  ? 23  DC  B O2    1 
ATOM   460 N  N3    . DC  B 1 11 ? 1.233   7.779   13.523  1.00 5.12   ? 23  DC  B N3    1 
ATOM   461 C  C4    . DC  B 1 11 ? 0.073   7.838   14.185  1.00 10.00  ? 23  DC  B C4    1 
ATOM   462 N  N4    . DC  B 1 11 ? -0.955  8.537   13.654  1.00 44.38  ? 23  DC  B N4    1 
ATOM   463 C  C5    . DC  B 1 11 ? -0.124  7.122   15.359  1.00 16.59  ? 23  DC  B C5    1 
ATOM   464 C  C6    . DC  B 1 11 ? 0.935   6.289   15.771  1.00 20.22  ? 23  DC  B C6    1 
ATOM   465 P  P     . DG  B 1 12 ? 6.103   4.771   19.190  1.00 46.46  ? 24  DG  B P     1 
ATOM   466 O  OP1   . DG  B 1 12 ? 7.288   4.013   19.684  1.00 38.58  ? 24  DG  B OP1   1 
ATOM   467 O  OP2   . DG  B 1 12 ? 4.978   4.977   20.221  1.00 34.79  ? 24  DG  B OP2   1 
ATOM   468 O  "O5'" . DG  B 1 12 ? 6.525   6.245   18.733  1.00 17.02  ? 24  DG  B "O5'" 1 
ATOM   469 C  "C5'" . DG  B 1 12 ? 7.652   6.466   17.986  1.00 11.90  ? 24  DG  B "C5'" 1 
ATOM   470 C  "C4'" . DG  B 1 12 ? 7.510   7.821   17.432  1.00 13.92  ? 24  DG  B "C4'" 1 
ATOM   471 O  "O4'" . DG  B 1 12 ? 6.493   7.887   16.447  1.00 16.67  ? 24  DG  B "O4'" 1 
ATOM   472 C  "C3'" . DG  B 1 12 ? 7.229   8.984   18.348  1.00 10.73  ? 24  DG  B "C3'" 1 
ATOM   473 O  "O3'" . DG  B 1 12 ? 8.307   9.214   19.297  1.00 39.10  ? 24  DG  B "O3'" 1 
ATOM   474 C  "C2'" . DG  B 1 12 ? 7.137   10.041  17.223  1.00 18.78  ? 24  DG  B "C2'" 1 
ATOM   475 C  "C1'" . DG  B 1 12 ? 6.218   9.289   16.220  1.00 13.49  ? 24  DG  B "C1'" 1 
ATOM   476 N  N9    . DG  B 1 12 ? 4.736   9.530   16.382  1.00 10.00  ? 24  DG  B N9    1 
ATOM   477 C  C8    . DG  B 1 12 ? 3.869   9.171   17.373  1.00 19.25  ? 24  DG  B C8    1 
ATOM   478 N  N7    . DG  B 1 12 ? 2.611   9.628   17.188  1.00 31.49  ? 24  DG  B N7    1 
ATOM   479 C  C5    . DG  B 1 12 ? 2.667   10.298  16.039  1.00 10.00  ? 24  DG  B C5    1 
ATOM   480 C  C6    . DG  B 1 12 ? 1.633   10.955  15.273  1.00 10.00  ? 24  DG  B C6    1 
ATOM   481 O  O6    . DG  B 1 12 ? 0.443   10.984  15.414  1.00 0.31   ? 24  DG  B O6    1 
ATOM   482 N  N1    . DG  B 1 12 ? 2.120   11.609  14.169  1.00 7.66   ? 24  DG  B N1    1 
ATOM   483 C  C2    . DG  B 1 12 ? 3.442   11.624  13.743  1.00 1.26   ? 24  DG  B C2    1 
ATOM   484 N  N2    . DG  B 1 12 ? 3.800   12.362  12.660  1.00 43.46  ? 24  DG  B N2    1 
ATOM   485 N  N3    . DG  B 1 12 ? 4.368   10.927  14.397  1.00 26.56  ? 24  DG  B N3    1 
ATOM   486 C  C4    . DG  B 1 12 ? 3.953   10.287  15.555  1.00 4.46   ? 24  DG  B C4    1 
HETATM 487 PT PT    . PTN C 2 .  ? 3.580   -7.219  -4.342  1.00 29.11  ? 25  PTN A PT    1 
HETATM 488 N  N1    . PTN C 2 .  ? 5.558   -6.911  -4.086  1.00 10.00  ? 25  PTN A N1    1 
HETATM 489 N  N2    . PTN C 2 .  ? 1.927   -7.644  -4.958  1.00 19.23  ? 25  PTN A N2    1 
HETATM 490 N  N3    . PTN C 2 .  ? 3.550   -9.197  -4.050  1.00 10.00  ? 25  PTN A N3    1 
HETATM 491 PT PT    . PTN D 2 .  ? 4.202   6.602   2.658   1.00 31.23  ? 26  PTN A PT    1 
HETATM 492 N  N1    . PTN D 2 .  ? 5.728   5.982   2.062   1.00 10.00  ? 26  PTN A N1    1 
HETATM 493 N  N2    . PTN D 2 .  ? 2.159   7.296   3.281   1.00 36.54  ? 26  PTN A N2    1 
HETATM 494 N  N3    . PTN D 2 .  ? 4.324   8.548   1.575   1.00 10.00  ? 26  PTN A N3    1 
HETATM 495 PT PT    . PTN E 2 .  ? -7.566  -9.983  -7.018  1.00 20.79  ? 27  PTN B PT    1 
HETATM 496 N  N1    . PTN E 2 .  ? -9.200  -9.466  -6.374  1.00 10.00  ? 27  PTN B N1    1 
HETATM 497 N  N2    . PTN E 2 .  ? -5.635  -10.340 -7.776  1.00 312.44 ? 27  PTN B N2    1 
HETATM 498 N  N3    . PTN E 2 .  ? -7.271  -11.948 -6.237  1.00 10.00  ? 27  PTN B N3    1 
HETATM 499 O  O     . HOH F 3 .  ? -4.067  13.093  15.584  1.00 25.70  ? 30  HOH A O     1 
HETATM 500 O  O     . HOH F 3 .  ? -10.022 -1.049  -1.357  1.00 16.28  ? 31  HOH A O     1 
HETATM 501 O  O     . HOH F 3 .  ? 6.142   -9.510  -5.289  1.00 17.49  ? 33  HOH A O     1 
HETATM 502 O  O     . HOH F 3 .  ? 8.486   -10.603 -1.755  1.00 30.80  ? 37  HOH A O     1 
HETATM 503 O  O     . HOH F 3 .  ? -2.533  11.429  4.414   1.00 19.34  ? 40  HOH A O     1 
HETATM 504 O  O     . HOH F 3 .  ? 14.105  5.715   2.416   1.00 21.22  ? 41  HOH A O     1 
HETATM 505 O  O     . HOH F 3 .  ? 12.735  -1.323  4.095   1.00 9.96   ? 42  HOH A O     1 
HETATM 506 O  O     . HOH F 3 .  ? 6.986   -4.923  2.712   1.00 20.51  ? 44  HOH A O     1 
HETATM 507 O  O     . HOH F 3 .  ? 7.248   -2.437  1.721   1.00 39.79  ? 45  HOH A O     1 
HETATM 508 O  O     . HOH F 3 .  ? -7.076  -1.128  0.811   1.00 32.89  ? 46  HOH A O     1 
HETATM 509 O  O     . HOH F 3 .  ? -7.874  -0.239  -7.854  1.00 7.83   ? 51  HOH A O     1 
HETATM 510 O  O     . HOH F 3 .  ? 10.257  -10.766 0.399   1.00 27.27  ? 53  HOH A O     1 
HETATM 511 O  O     . HOH F 3 .  ? -13.284 -6.693  -6.509  1.00 39.27  ? 58  HOH A O     1 
HETATM 512 O  O     . HOH F 3 .  ? -10.789 -5.584  -8.063  1.00 22.80  ? 61  HOH A O     1 
HETATM 513 O  O     . HOH F 3 .  ? 8.568   -9.716  3.067   1.00 19.83  ? 65  HOH A O     1 
HETATM 514 O  O     . HOH F 3 .  ? 10.511  12.906  2.686   1.00 25.29  ? 67  HOH A O     1 
HETATM 515 O  O     . HOH F 3 .  ? 3.381   -12.169 -4.511  1.00 27.61  ? 71  HOH A O     1 
HETATM 516 O  O     . HOH F 3 .  ? -12.319 -0.974  -4.175  1.00 21.54  ? 72  HOH A O     1 
HETATM 517 O  O     . HOH F 3 .  ? 7.673   -4.447  5.602   1.00 20.19  ? 87  HOH A O     1 
HETATM 518 O  O     . HOH F 3 .  ? -9.201  -6.120  -19.379 1.00 35.39  ? 88  HOH A O     1 
HETATM 519 O  O     . HOH F 3 .  ? 0.501   12.819  6.823   1.00 27.46  ? 89  HOH A O     1 
HETATM 520 O  O     . HOH F 3 .  ? 0.209   9.782   4.698   1.00 35.04  ? 91  HOH A O     1 
HETATM 521 O  O     . HOH F 3 .  ? 7.383   -6.291  11.675  1.00 25.42  ? 93  HOH A O     1 
HETATM 522 O  O     . HOH F 3 .  ? 10.367  10.130  2.086   1.00 23.77  ? 94  HOH A O     1 
HETATM 523 O  O     . HOH F 3 .  ? 6.037   -5.749  0.155   1.00 34.97  ? 107 HOH A O     1 
HETATM 524 O  O     . HOH F 3 .  ? -5.255  -3.962  6.451   1.00 42.16  ? 108 HOH A O     1 
HETATM 525 O  O     . HOH F 3 .  ? 5.734   2.445   2.218   1.00 22.69  ? 109 HOH A O     1 
HETATM 526 O  O     . HOH F 3 .  ? 12.521  9.313   1.693   1.00 32.22  ? 112 HOH A O     1 
HETATM 527 O  O     . HOH F 3 .  ? -1.881  11.790  7.302   1.00 61.91  ? 113 HOH A O     1 
HETATM 528 O  O     . HOH F 3 .  ? -7.834  -8.098  -18.296 1.00 36.63  ? 115 HOH A O     1 
HETATM 529 O  O     . HOH F 3 .  ? -10.333 -1.527  1.465   1.00 38.61  ? 116 HOH A O     1 
HETATM 530 O  O     . HOH F 3 .  ? -4.681  14.046  18.650  1.00 47.98  ? 120 HOH A O     1 
HETATM 531 O  O     . HOH F 3 .  ? 14.147  6.578   -0.003  1.00 32.13  ? 124 HOH A O     1 
HETATM 532 O  O     . HOH F 3 .  ? 9.945   -2.601  2.541   1.00 49.48  ? 125 HOH A O     1 
HETATM 533 O  O     . HOH F 3 .  ? -7.742  -6.019  5.574   1.00 42.86  ? 127 HOH A O     1 
HETATM 534 O  O     . HOH F 3 .  ? -16.655 -0.775  -4.944  1.00 36.33  ? 133 HOH A O     1 
HETATM 535 O  O     . HOH F 3 .  ? 7.327   -7.881  -3.046  1.00 36.89  ? 137 HOH A O     1 
HETATM 536 O  O     . HOH F 3 .  ? -10.003 -8.471  -9.644  1.00 47.24  ? 139 HOH A O     1 
HETATM 537 O  O     . HOH F 3 .  ? -7.305  -3.923  -20.024 1.00 49.69  ? 144 HOH A O     1 
HETATM 538 O  O     . HOH F 3 .  ? 11.067  7.856   -0.368  1.00 37.19  ? 146 HOH A O     1 
HETATM 539 O  O     . HOH F 3 .  ? 10.045  -6.862  10.060  1.00 50.65  ? 149 HOH A O     1 
HETATM 540 O  O     . HOH F 3 .  ? 16.679  9.531   0.328   1.00 53.28  ? 150 HOH A O     1 
HETATM 541 O  O     . HOH F 3 .  ? 7.317   -4.503  -2.621  1.00 33.36  ? 152 HOH A O     1 
HETATM 542 O  O     . HOH G 3 .  ? -4.229  6.865   11.160  1.00 32.80  ? 28  HOH B O     1 
HETATM 543 O  O     . HOH G 3 .  ? 3.717   3.427   20.844  1.00 27.14  ? 29  HOH B O     1 
HETATM 544 O  O     . HOH G 3 .  ? 6.256   11.979  -9.837  1.00 25.19  ? 32  HOH B O     1 
HETATM 545 O  O     . HOH G 3 .  ? 10.116  -12.452 -8.347  1.00 6.63   ? 34  HOH B O     1 
HETATM 546 O  O     . HOH G 3 .  ? -8.266  11.031  -0.991  1.00 46.22  ? 35  HOH B O     1 
HETATM 547 O  O     . HOH G 3 .  ? -5.132  -2.838  16.397  1.00 34.42  ? 36  HOH B O     1 
HETATM 548 O  O     . HOH G 3 .  ? -8.268  3.448   10.908  1.00 26.11  ? 38  HOH B O     1 
HETATM 549 O  O     . HOH G 3 .  ? 5.329   17.276  -1.697  1.00 14.43  ? 39  HOH B O     1 
HETATM 550 O  O     . HOH G 3 .  ? -2.750  12.530  -2.597  1.00 10.54  ? 43  HOH B O     1 
HETATM 551 O  O     . HOH G 3 .  ? 12.028  0.095   -3.363  1.00 30.98  ? 47  HOH B O     1 
HETATM 552 O  O     . HOH G 3 .  ? -0.546  7.394   -7.276  1.00 40.80  ? 48  HOH B O     1 
HETATM 553 O  O     . HOH G 3 .  ? 11.254  -11.769 -11.818 1.00 23.46  ? 49  HOH B O     1 
HETATM 554 O  O     . HOH G 3 .  ? -3.255  -13.734 -7.254  1.00 12.50  ? 50  HOH B O     1 
HETATM 555 O  O     . HOH G 3 .  ? -6.679  -12.707 -1.130  1.00 25.57  ? 52  HOH B O     1 
HETATM 556 O  O     . HOH G 3 .  ? 0.066   12.041  -4.102  1.00 34.69  ? 54  HOH B O     1 
HETATM 557 O  O     . HOH G 3 .  ? -4.333  4.114   -10.767 1.00 26.54  ? 55  HOH B O     1 
HETATM 558 O  O     . HOH G 3 .  ? -1.742  -12.196 -5.568  1.00 26.38  ? 56  HOH B O     1 
HETATM 559 O  O     . HOH G 3 .  ? 7.964   -6.996  -5.575  1.00 5.87   ? 57  HOH B O     1 
HETATM 560 O  O     . HOH G 3 .  ? 3.102   8.247   -9.369  1.00 33.41  ? 59  HOH B O     1 
HETATM 561 O  O     . HOH G 3 .  ? 3.360   0.976   -2.973  1.00 12.99  ? 60  HOH B O     1 
HETATM 562 O  O     . HOH G 3 .  ? -2.865  7.148   16.014  1.00 40.64  ? 62  HOH B O     1 
HETATM 563 O  O     . HOH G 3 .  ? 5.383   8.107   -5.329  1.00 21.42  ? 63  HOH B O     1 
HETATM 564 O  O     . HOH G 3 .  ? 6.848   2.724   -2.534  1.00 47.64  ? 64  HOH B O     1 
HETATM 565 O  O     . HOH G 3 .  ? -7.785  11.521  2.338   1.00 20.01  ? 66  HOH B O     1 
HETATM 566 O  O     . HOH G 3 .  ? -0.539  15.562  1.848   1.00 33.10  ? 68  HOH B O     1 
HETATM 567 O  O     . HOH G 3 .  ? -12.294 3.897   8.922   1.00 33.06  ? 69  HOH B O     1 
HETATM 568 O  O     . HOH G 3 .  ? 3.061   8.237   -13.783 1.00 41.41  ? 70  HOH B O     1 
HETATM 569 O  O     . HOH G 3 .  ? 0.235   8.285   -10.233 1.00 23.68  ? 73  HOH B O     1 
HETATM 570 O  O     . HOH G 3 .  ? 8.557   -5.642  -12.165 1.00 43.74  ? 74  HOH B O     1 
HETATM 571 O  O     . HOH G 3 .  ? -8.113  3.244   -4.466  1.00 14.68  ? 75  HOH B O     1 
HETATM 572 O  O     . HOH G 3 .  ? -2.660  8.004   -9.187  1.00 32.14  ? 76  HOH B O     1 
HETATM 573 O  O     . HOH G 3 .  ? 4.291   -1.598  -2.255  1.00 11.96  ? 77  HOH B O     1 
HETATM 574 O  O     . HOH G 3 .  ? -3.978  4.041   17.427  1.00 20.89  ? 78  HOH B O     1 
HETATM 575 O  O     . HOH G 3 .  ? -4.138  7.710   -3.784  1.00 34.06  ? 79  HOH B O     1 
HETATM 576 O  O     . HOH G 3 .  ? -0.414  6.937   -3.976  1.00 34.43  ? 80  HOH B O     1 
HETATM 577 O  O     . HOH G 3 .  ? 7.031   6.371   -2.101  1.00 30.39  ? 81  HOH B O     1 
HETATM 578 O  O     . HOH G 3 .  ? 5.715   9.318   -3.156  1.00 41.60  ? 82  HOH B O     1 
HETATM 579 O  O     . HOH G 3 .  ? -4.154  8.568   -0.437  1.00 37.58  ? 83  HOH B O     1 
HETATM 580 O  O     . HOH G 3 .  ? -11.891 10.537  0.646   1.00 36.90  ? 84  HOH B O     1 
HETATM 581 O  O     . HOH G 3 .  ? -1.278  8.344   0.825   1.00 16.95  ? 85  HOH B O     1 
HETATM 582 O  O     . HOH G 3 .  ? 4.994   12.412  -2.500  1.00 22.33  ? 86  HOH B O     1 
HETATM 583 O  O     . HOH G 3 .  ? -10.261 11.534  3.801   1.00 28.54  ? 90  HOH B O     1 
HETATM 584 O  O     . HOH G 3 .  ? -7.001  13.892  3.028   1.00 37.29  ? 92  HOH B O     1 
HETATM 585 O  O     . HOH G 3 .  ? 4.794   13.059  -6.096  1.00 37.72  ? 95  HOH B O     1 
HETATM 586 O  O     . HOH G 3 .  ? 4.416   11.092  -5.078  1.00 27.58  ? 96  HOH B O     1 
HETATM 587 O  O     . HOH G 3 .  ? 10.295  -8.239  -7.649  1.00 46.79  ? 97  HOH B O     1 
HETATM 588 O  O     . HOH G 3 .  ? 7.920   -15.055 -3.357  1.00 35.88  ? 98  HOH B O     1 
HETATM 589 O  O     . HOH G 3 .  ? -5.145  -12.499 -4.003  1.00 39.35  ? 99  HOH B O     1 
HETATM 590 O  O     . HOH G 3 .  ? 6.337   3.286   22.909  1.00 23.25  ? 100 HOH B O     1 
HETATM 591 O  O     . HOH G 3 .  ? 3.070   -17.523 -6.053  1.00 29.33  ? 101 HOH B O     1 
HETATM 592 O  O     . HOH G 3 .  ? 7.711   -2.482  -5.784  1.00 42.45  ? 102 HOH B O     1 
HETATM 593 O  O     . HOH G 3 .  ? -0.950  5.662   18.681  1.00 29.47  ? 103 HOH B O     1 
HETATM 594 O  O     . HOH G 3 .  ? 5.180   1.312   -5.020  1.00 40.20  ? 104 HOH B O     1 
HETATM 595 O  O     . HOH G 3 .  ? 6.454   5.991   -7.634  1.00 35.31  ? 105 HOH B O     1 
HETATM 596 O  O     . HOH G 3 .  ? 4.187   10.186  -7.649  1.00 37.13  ? 106 HOH B O     1 
HETATM 597 O  O     . HOH G 3 .  ? -11.761 -0.459  9.101   1.00 38.36  ? 110 HOH B O     1 
HETATM 598 O  O     . HOH G 3 .  ? 7.055   -13.034 -4.739  1.00 42.89  ? 111 HOH B O     1 
HETATM 599 O  O     . HOH G 3 .  ? -6.938  7.655   1.882   1.00 42.46  ? 114 HOH B O     1 
HETATM 600 O  O     . HOH G 3 .  ? -8.311  8.929   -3.631  1.00 21.30  ? 117 HOH B O     1 
HETATM 601 O  O     . HOH G 3 .  ? 7.742   0.307   -5.363  1.00 31.96  ? 118 HOH B O     1 
HETATM 602 O  O     . HOH G 3 .  ? -3.622  8.504   -7.486  1.00 32.13  ? 119 HOH B O     1 
HETATM 603 O  O     . HOH G 3 .  ? -3.674  -2.614  -9.606  1.00 52.69  ? 121 HOH B O     1 
HETATM 604 O  O     . HOH G 3 .  ? 7.263   -0.171  -8.042  1.00 33.59  ? 122 HOH B O     1 
HETATM 605 O  O     . HOH G 3 .  ? 2.386   13.396  -0.515  1.00 39.94  ? 123 HOH B O     1 
HETATM 606 O  O     . HOH G 3 .  ? 9.195   1.926   0.185   1.00 31.05  ? 126 HOH B O     1 
HETATM 607 O  O     . HOH G 3 .  ? -9.374  7.523   -0.386  1.00 37.99  ? 128 HOH B O     1 
HETATM 608 O  O     . HOH G 3 .  ? 7.213   4.759   -4.835  1.00 37.34  ? 129 HOH B O     1 
HETATM 609 O  O     . HOH G 3 .  ? 9.943   -0.939  -7.903  1.00 39.50  ? 130 HOH B O     1 
HETATM 610 O  O     . HOH G 3 .  ? -11.251 5.568   0.533   1.00 46.01  ? 131 HOH B O     1 
HETATM 611 O  O     . HOH G 3 .  ? -2.347  14.401  0.329   1.00 33.76  ? 132 HOH B O     1 
HETATM 612 O  O     . HOH G 3 .  ? 7.865   -19.216 -2.798  1.00 24.75  ? 134 HOH B O     1 
HETATM 613 O  O     . HOH G 3 .  ? 8.760   4.141   21.723  1.00 40.61  ? 135 HOH B O     1 
HETATM 614 O  O     . HOH G 3 .  ? 8.351   -16.376 -1.201  1.00 52.55  ? 136 HOH B O     1 
HETATM 615 O  O     . HOH G 3 .  ? 12.795  0.700   -7.846  1.00 46.92  ? 138 HOH B O     1 
HETATM 616 O  O     . HOH G 3 .  ? 2.478   7.223   -6.777  1.00 39.47  ? 140 HOH B O     1 
HETATM 617 O  O     . HOH G 3 .  ? 7.576   -1.258  -2.900  1.00 41.92  ? 141 HOH B O     1 
HETATM 618 O  O     . HOH G 3 .  ? -1.596  10.456  -4.985  1.00 40.39  ? 142 HOH B O     1 
HETATM 619 O  O     . HOH G 3 .  ? -5.112  5.018   13.937  1.00 32.80  ? 143 HOH B O     1 
HETATM 620 O  O     . HOH G 3 .  ? 8.155   12.248  -3.600  1.00 50.47  ? 145 HOH B O     1 
HETATM 621 O  O     . HOH G 3 .  ? -8.865  8.616   3.905   1.00 45.34  ? 147 HOH B O     1 
HETATM 622 O  O     . HOH G 3 .  ? -5.345  14.389  0.643   1.00 37.94  ? 148 HOH B O     1 
HETATM 623 O  O     . HOH G 3 .  ? 4.162   -14.432 -4.924  1.00 30.57  ? 151 HOH B O     1 
HETATM 624 O  O     . HOH G 3 .  ? 8.587   -13.757 -11.723 1.00 33.26  ? 153 HOH B O     1 
HETATM 625 O  O     . HOH G 3 .  ? 8.591   1.373   -3.127  1.00 33.15  ? 154 HOH B O     1 
HETATM 626 O  O     . HOH G 3 .  ? -10.436 14.347  1.782   1.00 33.55  ? 155 HOH B O     1 
# 
loop_
_atom_site_anisotrop.id 
_atom_site_anisotrop.type_symbol 
_atom_site_anisotrop.pdbx_label_atom_id 
_atom_site_anisotrop.pdbx_label_alt_id 
_atom_site_anisotrop.pdbx_label_comp_id 
_atom_site_anisotrop.pdbx_label_asym_id 
_atom_site_anisotrop.pdbx_label_seq_id 
_atom_site_anisotrop.pdbx_PDB_ins_code 
_atom_site_anisotrop.U[1][1] 
_atom_site_anisotrop.U[2][2] 
_atom_site_anisotrop.U[3][3] 
_atom_site_anisotrop.U[1][2] 
_atom_site_anisotrop.U[1][3] 
_atom_site_anisotrop.U[2][3] 
_atom_site_anisotrop.pdbx_auth_seq_id 
_atom_site_anisotrop.pdbx_auth_comp_id 
_atom_site_anisotrop.pdbx_auth_asym_id 
_atom_site_anisotrop.pdbx_auth_atom_id 
487 PT PT . PTN C . ? 0.0898 0.0829 0.0359 0.0469 -0.0350 -0.0376 25 PTN A PT 
491 PT PT . PTN D . ? 0.1550 0.0342 0.0328 0.0167 -0.0449 -0.0160 26 PTN A PT 
495 PT PT . PTN E . ? 0.0646 0.0348 0.0237 0.0052 -0.0213 -0.0119 27 PTN B PT 
# 
